data_1EWR
#
_entry.id   1EWR
#
_cell.length_a   96.734
_cell.length_b   96.734
_cell.length_c   427.126
_cell.angle_alpha   90.00
_cell.angle_beta   90.00
_cell.angle_gamma   120.00
#
_symmetry.space_group_name_H-M   'P 31 2 1'
#
_entity_poly.entity_id   1
_entity_poly.type   'polypeptide(L)'
_entity_poly.pdbx_seq_one_letter_code
;TPGTLLQESLLPREANYLAAIATGDGWGLAFLDVSTGEFKGTVLKSKSALYDELFRHRPAEVLLAPELLENGAFLDEFRK
RFPVMLSEAPFEPEGEGPLALRRARGALLAYAQRTQGGALSLQPFRFYDPGAF(MSE)RLPEATLRALEVFEPLRGQDTL
FSVLDETRTAPGRRLLQSWLRHPLLDRGPLEARLDRVEGFVREGALREGVRRLLYRLADLERLATRLELGRASPKDLGAL
RRSLQILPELRALLGEEVGLPDLSPLKEELEAALVEDPPLKVSEGGLIREGYDPDLDALRAAHREGVAYFLELEERERER
TGIPTLKVGYNAVFGYYLEVTRPYYERVPKEYRPVQTLKDRQRYTLPEMKEKEREVYRLEALIRRREEEVFLEVRERAKR
QAEALREAARILAELDVYAALAEVAVRYGYVRPRFGDRLQIRAGRHPVVERRTEFVPNDLE(MSE)AHELVLITGPN
(MSE)AGKSTFLRQTALIALLAQVGSFVPAEEAHLPLFDGIYTRIGASDDLAGGKSTF(MSE)VE(MSE)EEVALILKEA
TENSLVLLDEVGRGTSSLDGVAIATAVAEALHERRAYTLFATHYFELTALGLPRLKNLHVAAREEAGGLVFYHQVLPGPA
SKSYGVEVAA(MSE)AGLPKEVVARARALLQA(MSE)AAR
;
_entity_poly.pdbx_strand_id   A,B
#
# COMPACT_ATOMS: atom_id res chain seq x y z
N ALA A 15 7.26 5.59 -27.01
CA ALA A 15 8.59 6.25 -27.24
C ALA A 15 9.42 6.29 -25.96
N ASN A 16 10.06 7.45 -25.75
CA ASN A 16 10.87 7.72 -24.58
C ASN A 16 11.12 9.22 -24.70
N TYR A 17 11.38 9.89 -23.58
CA TYR A 17 11.60 11.33 -23.67
C TYR A 17 12.65 11.95 -22.75
N LEU A 18 13.35 12.93 -23.29
CA LEU A 18 14.33 13.70 -22.55
C LEU A 18 13.58 15.01 -22.43
N ALA A 19 13.30 15.44 -21.20
CA ALA A 19 12.54 16.66 -21.00
C ALA A 19 13.30 17.80 -20.33
N ALA A 20 12.99 19.02 -20.75
CA ALA A 20 13.60 20.20 -20.17
C ALA A 20 12.48 21.17 -19.77
N ILE A 21 12.68 21.85 -18.64
CA ILE A 21 11.70 22.80 -18.12
C ILE A 21 12.34 24.15 -17.88
N ALA A 22 11.93 25.14 -18.67
CA ALA A 22 12.46 26.50 -18.55
C ALA A 22 11.31 27.47 -18.28
N THR A 23 11.63 28.58 -17.60
CA THR A 23 10.63 29.58 -17.24
C THR A 23 10.64 30.84 -18.12
N GLY A 24 9.56 31.60 -18.07
CA GLY A 24 9.47 32.84 -18.85
C GLY A 24 8.24 32.94 -19.74
N ASP A 25 7.25 33.71 -19.31
CA ASP A 25 6.01 33.89 -20.07
C ASP A 25 5.31 32.55 -20.29
N GLY A 26 5.18 31.81 -19.19
CA GLY A 26 4.57 30.49 -19.21
C GLY A 26 5.64 29.52 -18.74
N TRP A 27 5.35 28.23 -18.83
CA TRP A 27 6.31 27.22 -18.42
C TRP A 27 6.77 26.35 -19.59
N GLY A 28 8.05 26.48 -19.92
CA GLY A 28 8.64 25.75 -21.02
C GLY A 28 8.84 24.27 -20.81
N LEU A 29 8.20 23.49 -21.68
CA LEU A 29 8.28 22.04 -21.62
C LEU A 29 8.75 21.51 -22.98
N ALA A 30 9.93 20.92 -23.00
CA ALA A 30 10.48 20.36 -24.22
C ALA A 30 10.70 18.86 -24.08
N PHE A 31 10.08 18.12 -24.99
CA PHE A 31 10.19 16.67 -25.02
C PHE A 31 10.90 16.22 -26.27
N LEU A 32 11.95 15.43 -26.09
CA LEU A 32 12.70 14.92 -27.23
C LEU A 32 13.14 13.49 -27.00
N ASP A 33 13.16 12.72 -28.09
CA ASP A 33 13.59 11.33 -28.04
C ASP A 33 14.56 11.06 -29.19
N VAL A 34 15.81 10.80 -28.82
CA VAL A 34 16.85 10.50 -29.78
C VAL A 34 16.39 9.41 -30.76
N SER A 35 15.91 8.31 -30.20
CA SER A 35 15.43 7.17 -30.99
C SER A 35 14.58 7.57 -32.20
N THR A 36 13.37 8.05 -31.96
CA THR A 36 12.49 8.46 -33.07
C THR A 36 12.81 9.87 -33.54
N GLY A 37 13.77 10.51 -32.87
CA GLY A 37 14.15 11.86 -33.22
C GLY A 37 12.92 12.75 -33.13
N GLU A 38 11.98 12.36 -32.27
CA GLU A 38 10.75 13.12 -32.08
C GLU A 38 11.08 14.39 -31.32
N PHE A 39 10.62 15.52 -31.86
CA PHE A 39 10.87 16.82 -31.26
C PHE A 39 9.60 17.64 -31.08
N LYS A 40 9.17 17.78 -29.83
CA LYS A 40 7.97 18.54 -29.47
C LYS A 40 8.08 19.10 -28.06
N GLY A 41 7.58 20.32 -27.88
CA GLY A 41 7.62 20.97 -26.58
C GLY A 41 6.39 21.84 -26.45
N THR A 42 6.27 22.56 -25.34
CA THR A 42 5.12 23.43 -25.14
C THR A 42 5.24 24.34 -23.91
N VAL A 43 4.40 25.38 -23.86
CA VAL A 43 4.39 26.34 -22.76
C VAL A 43 3.08 26.33 -21.97
N LEU A 44 3.19 25.99 -20.69
CA LEU A 44 2.03 25.94 -19.81
C LEU A 44 2.04 27.05 -18.77
N LYS A 45 0.85 27.47 -18.36
CA LYS A 45 0.70 28.51 -17.36
C LYS A 45 0.56 27.88 -15.97
N SER A 46 -0.35 26.91 -15.87
CA SER A 46 -0.59 26.24 -14.60
C SER A 46 0.41 25.15 -14.20
N LYS A 47 1.19 25.39 -13.16
CA LYS A 47 2.15 24.39 -12.70
C LYS A 47 1.43 23.04 -12.57
N SER A 48 0.12 23.11 -12.39
CA SER A 48 -0.69 21.92 -12.27
C SER A 48 -0.64 21.18 -13.62
N ALA A 49 -1.08 21.88 -14.66
CA ALA A 49 -1.10 21.33 -16.02
C ALA A 49 0.30 20.92 -16.51
N LEU A 50 1.33 21.62 -16.03
CA LEU A 50 2.70 21.29 -16.41
C LEU A 50 2.99 19.86 -15.95
N TYR A 51 3.27 19.71 -14.66
CA TYR A 51 3.55 18.40 -14.08
C TYR A 51 2.61 17.35 -14.69
N ASP A 52 1.48 17.81 -15.21
CA ASP A 52 0.50 16.93 -15.83
C ASP A 52 0.95 16.49 -17.22
N GLU A 53 1.25 17.45 -18.09
CA GLU A 53 1.72 17.12 -19.45
C GLU A 53 3.02 16.32 -19.28
N LEU A 54 3.74 16.66 -18.22
CA LEU A 54 5.00 16.01 -17.87
C LEU A 54 4.69 14.57 -17.42
N PHE A 55 3.49 14.37 -16.86
CA PHE A 55 3.07 13.06 -16.38
C PHE A 55 2.58 12.12 -17.49
N ARG A 56 1.91 12.67 -18.51
CA ARG A 56 1.43 11.83 -19.61
C ARG A 56 2.61 11.25 -20.37
N HIS A 57 3.58 12.11 -20.66
CA HIS A 57 4.75 11.73 -21.43
C HIS A 57 5.89 11.07 -20.66
N ARG A 58 5.68 10.89 -19.37
CA ARG A 58 6.63 10.24 -18.45
C ARG A 58 8.10 10.18 -18.89
N PRO A 59 8.79 11.33 -18.95
CA PRO A 59 10.20 11.35 -19.35
C PRO A 59 11.09 10.69 -18.30
N ALA A 60 12.17 10.05 -18.75
CA ALA A 60 13.11 9.36 -17.87
C ALA A 60 14.22 10.26 -17.35
N GLU A 61 14.40 11.40 -18.02
CA GLU A 61 15.42 12.38 -17.62
C GLU A 61 14.93 13.81 -17.90
N VAL A 62 14.90 14.60 -16.83
CA VAL A 62 14.44 15.99 -16.87
C VAL A 62 15.56 17.02 -16.63
N LEU A 63 15.56 18.07 -17.47
CA LEU A 63 16.54 19.14 -17.38
C LEU A 63 15.89 20.42 -16.89
N LEU A 64 16.29 20.89 -15.70
CA LEU A 64 15.74 22.11 -15.12
C LEU A 64 16.58 23.36 -15.40
N ALA A 65 15.89 24.46 -15.67
CA ALA A 65 16.55 25.74 -15.95
C ALA A 65 17.32 26.18 -14.70
N PRO A 66 18.25 27.14 -14.85
CA PRO A 66 19.05 27.64 -13.72
C PRO A 66 18.19 28.13 -12.54
N GLU A 67 17.19 28.96 -12.86
CA GLU A 67 16.27 29.49 -11.85
C GLU A 67 15.88 28.35 -10.91
N LEU A 68 15.00 27.50 -11.43
CA LEU A 68 14.48 26.34 -10.73
C LEU A 68 15.58 25.58 -9.97
N LEU A 69 16.73 25.42 -10.60
CA LEU A 69 17.84 24.69 -9.98
C LEU A 69 18.28 25.36 -8.68
N GLU A 70 18.31 26.69 -8.68
CA GLU A 70 18.72 27.47 -7.51
C GLU A 70 17.62 27.43 -6.45
N ASN A 71 16.39 27.69 -6.91
CA ASN A 71 15.19 27.72 -6.07
C ASN A 71 15.11 26.50 -5.13
N GLY A 72 15.74 26.63 -3.95
CA GLY A 72 15.76 25.55 -2.98
C GLY A 72 14.39 24.93 -2.72
N ALA A 73 13.35 25.74 -2.74
CA ALA A 73 12.00 25.27 -2.51
C ALA A 73 11.46 24.48 -3.71
N PHE A 74 11.43 25.11 -4.88
CA PHE A 74 10.95 24.44 -6.11
C PHE A 74 11.66 23.11 -6.35
N LEU A 75 12.95 23.07 -6.05
CA LEU A 75 13.76 21.87 -6.27
C LEU A 75 13.27 20.66 -5.48
N ASP A 76 13.13 20.80 -4.16
CA ASP A 76 12.70 19.69 -3.33
C ASP A 76 11.23 19.30 -3.46
N GLU A 77 10.44 20.13 -4.12
CA GLU A 77 9.03 19.80 -4.33
C GLU A 77 8.96 18.92 -5.57
N PHE A 78 9.81 19.26 -6.54
CA PHE A 78 9.90 18.53 -7.80
C PHE A 78 10.50 17.16 -7.50
N ARG A 79 11.44 17.12 -6.54
CA ARG A 79 12.11 15.89 -6.14
C ARG A 79 11.20 14.97 -5.32
N LYS A 80 10.12 15.55 -4.81
CA LYS A 80 9.14 14.79 -4.01
C LYS A 80 8.05 14.24 -4.92
N ARG A 81 7.73 15.01 -5.96
CA ARG A 81 6.70 14.65 -6.91
C ARG A 81 7.29 14.06 -8.18
N SER A 87 19.80 16.40 -14.86
CA SER A 87 21.19 16.75 -15.14
C SER A 87 21.29 18.20 -15.62
N GLU A 88 22.38 18.86 -15.25
CA GLU A 88 22.61 20.26 -15.63
C GLU A 88 22.94 20.46 -17.10
N ALA A 89 22.49 21.61 -17.62
CA ALA A 89 22.71 21.97 -19.02
C ALA A 89 22.18 23.39 -19.25
N PRO A 90 22.90 24.20 -20.04
CA PRO A 90 22.48 25.58 -20.33
C PRO A 90 21.24 25.65 -21.20
N PHE A 91 20.38 26.62 -20.92
CA PHE A 91 19.15 26.82 -21.67
C PHE A 91 19.26 28.07 -22.54
N GLU A 92 20.10 28.00 -23.57
CA GLU A 92 20.30 29.13 -24.46
C GLU A 92 19.17 29.17 -25.50
N PRO A 93 18.27 30.17 -25.40
CA PRO A 93 17.13 30.33 -26.32
C PRO A 93 17.45 30.12 -27.79
N GLU A 94 16.97 29.00 -28.34
CA GLU A 94 17.20 28.63 -29.74
C GLU A 94 15.89 28.59 -30.55
N GLY A 95 16.00 28.81 -31.86
CA GLY A 95 14.82 28.79 -32.72
C GLY A 95 13.90 29.93 -32.35
N GLU A 96 12.70 29.95 -32.91
CA GLU A 96 11.75 31.02 -32.60
C GLU A 96 10.58 30.48 -31.78
N GLY A 97 9.97 31.36 -31.00
CA GLY A 97 8.85 30.97 -30.17
C GLY A 97 8.99 31.47 -28.75
N PRO A 98 7.91 31.41 -27.94
CA PRO A 98 7.94 31.87 -26.55
C PRO A 98 9.24 31.52 -25.82
N LEU A 99 9.84 32.56 -25.24
CA LEU A 99 11.11 32.46 -24.51
C LEU A 99 11.33 31.13 -23.81
N ALA A 100 10.67 30.93 -22.67
CA ALA A 100 10.79 29.70 -21.85
C ALA A 100 10.76 28.42 -22.66
N LEU A 101 10.09 28.45 -23.80
CA LEU A 101 9.97 27.29 -24.66
C LEU A 101 11.29 27.01 -25.37
N ARG A 102 11.81 28.02 -26.07
CA ARG A 102 13.06 27.90 -26.81
C ARG A 102 14.22 27.52 -25.87
N ARG A 103 14.28 28.19 -24.71
CA ARG A 103 15.33 27.93 -23.73
C ARG A 103 15.42 26.46 -23.33
N ALA A 104 14.25 25.85 -23.11
CA ALA A 104 14.19 24.44 -22.72
C ALA A 104 14.42 23.58 -23.96
N ARG A 105 13.75 23.97 -25.04
CA ARG A 105 13.87 23.26 -26.32
C ARG A 105 15.34 23.10 -26.68
N GLY A 106 16.07 24.20 -26.56
CA GLY A 106 17.49 24.18 -26.87
C GLY A 106 18.27 23.40 -25.84
N ALA A 107 17.74 23.33 -24.61
CA ALA A 107 18.41 22.60 -23.54
C ALA A 107 18.58 21.14 -23.93
N LEU A 108 17.60 20.62 -24.70
CA LEU A 108 17.64 19.24 -25.16
C LEU A 108 18.74 19.06 -26.19
N LEU A 109 18.61 19.75 -27.33
CA LEU A 109 19.62 19.71 -28.39
C LEU A 109 20.96 19.68 -27.65
N ALA A 110 21.38 20.85 -27.18
CA ALA A 110 22.64 21.02 -26.45
C ALA A 110 22.95 19.87 -25.48
N TYR A 111 21.92 19.16 -25.02
CA TYR A 111 22.19 18.06 -24.11
C TYR A 111 22.43 16.78 -24.90
N ALA A 112 21.55 16.51 -25.85
CA ALA A 112 21.65 15.33 -26.70
C ALA A 112 22.92 15.41 -27.55
N GLN A 113 23.11 16.55 -28.21
CA GLN A 113 24.27 16.77 -29.07
C GLN A 113 25.59 16.42 -28.40
N ARG A 114 25.69 16.65 -27.08
CA ARG A 114 26.92 16.36 -26.36
C ARG A 114 26.89 14.98 -25.72
N THR A 115 25.79 14.27 -25.94
CA THR A 115 25.60 12.93 -25.42
C THR A 115 25.40 12.02 -26.62
N GLN A 116 25.49 12.63 -27.81
CA GLN A 116 25.33 11.94 -29.08
C GLN A 116 26.66 11.94 -29.81
N GLY A 117 27.65 12.63 -29.23
CA GLY A 117 28.96 12.72 -29.85
C GLY A 117 28.99 13.59 -31.08
N GLY A 118 27.82 14.06 -31.51
CA GLY A 118 27.73 14.90 -32.69
C GLY A 118 26.30 15.27 -33.01
N ALA A 119 26.09 15.92 -34.15
CA ALA A 119 24.76 16.35 -34.59
C ALA A 119 23.65 15.33 -34.29
N LEU A 120 22.41 15.81 -34.35
CA LEU A 120 21.23 15.01 -34.09
C LEU A 120 20.28 15.01 -35.29
N SER A 121 19.51 13.93 -35.45
CA SER A 121 18.53 13.87 -36.52
C SER A 121 17.22 14.18 -35.79
N LEU A 122 16.58 15.26 -36.21
CA LEU A 122 15.34 15.68 -35.57
C LEU A 122 14.22 15.92 -36.57
N GLN A 123 13.00 15.76 -36.10
CA GLN A 123 11.82 15.97 -36.92
C GLN A 123 11.39 17.42 -36.67
N PRO A 124 10.54 17.99 -37.53
CA PRO A 124 10.09 19.38 -37.35
C PRO A 124 9.42 19.63 -36.00
N PHE A 125 10.18 20.23 -35.07
CA PHE A 125 9.68 20.53 -33.74
C PHE A 125 8.18 20.84 -33.77
N ARG A 126 7.40 20.13 -32.96
CA ARG A 126 5.96 20.34 -32.93
C ARG A 126 5.45 20.94 -31.60
N PHE A 127 4.80 22.10 -31.72
CA PHE A 127 4.24 22.80 -30.58
C PHE A 127 2.81 22.30 -30.42
N TYR A 128 2.53 21.63 -29.31
CA TYR A 128 1.19 21.11 -29.08
C TYR A 128 0.44 21.84 -27.99
N ASP A 129 -0.87 22.04 -28.22
CA ASP A 129 -1.73 22.71 -27.25
C ASP A 129 -2.74 21.69 -26.75
N PRO A 130 -2.46 21.09 -25.59
CA PRO A 130 -3.40 20.09 -25.04
C PRO A 130 -4.81 20.67 -24.88
N GLY A 131 -4.93 21.99 -25.01
CA GLY A 131 -6.24 22.64 -24.91
C GLY A 131 -7.11 22.47 -26.14
N ALA A 132 -6.60 21.77 -27.14
CA ALA A 132 -7.36 21.55 -28.37
C ALA A 132 -7.84 20.11 -28.42
N PHE A 133 -7.61 19.37 -27.32
CA PHE A 133 -8.00 17.98 -27.20
C PHE A 133 -8.82 17.76 -25.92
N MSE A 134 -9.05 16.50 -25.57
CA MSE A 134 -9.80 16.19 -24.37
C MSE A 134 -8.86 16.14 -23.17
O MSE A 134 -7.82 15.48 -23.23
CB MSE A 134 -10.54 14.86 -24.51
CG MSE A 134 -11.36 14.48 -23.30
SE MSE A 134 -11.42 12.58 -23.09
CE MSE A 134 -13.27 12.26 -23.57
N ARG A 135 -9.23 16.83 -22.10
CA ARG A 135 -8.42 16.86 -20.90
C ARG A 135 -8.24 15.48 -20.31
N LEU A 136 -7.18 15.29 -19.52
CA LEU A 136 -6.95 14.01 -18.88
C LEU A 136 -5.90 14.11 -17.79
N PRO A 137 -6.35 14.53 -16.59
CA PRO A 137 -5.47 14.70 -15.42
C PRO A 137 -4.64 13.45 -15.14
N GLU A 138 -3.62 13.63 -14.32
CA GLU A 138 -2.75 12.54 -13.92
C GLU A 138 -3.62 11.50 -13.25
N ALA A 139 -4.35 11.94 -12.22
CA ALA A 139 -5.23 11.08 -11.43
C ALA A 139 -6.26 10.32 -12.25
N THR A 140 -6.93 10.98 -13.20
CA THR A 140 -7.90 10.23 -14.00
C THR A 140 -7.16 9.03 -14.59
N LEU A 141 -6.08 9.31 -15.34
CA LEU A 141 -5.26 8.27 -15.96
C LEU A 141 -4.93 7.16 -14.97
N ARG A 142 -4.62 7.56 -13.73
CA ARG A 142 -4.34 6.56 -12.68
C ARG A 142 -5.63 5.80 -12.32
N ALA A 143 -6.70 6.56 -12.09
CA ALA A 143 -7.99 5.99 -11.70
C ALA A 143 -8.57 4.97 -12.66
N LEU A 144 -8.64 5.33 -13.94
CA LEU A 144 -9.19 4.44 -14.95
C LEU A 144 -8.28 3.27 -15.31
N GLU A 145 -7.09 3.23 -14.71
CA GLU A 145 -6.11 2.17 -14.98
C GLU A 145 -5.79 2.09 -16.47
N VAL A 146 -5.59 3.25 -17.09
CA VAL A 146 -5.30 3.34 -18.51
C VAL A 146 -3.99 2.67 -18.93
N PHE A 147 -2.87 3.25 -18.49
CA PHE A 147 -1.55 2.70 -18.81
C PHE A 147 -1.07 1.79 -17.69
N GLU A 148 -1.08 2.28 -16.45
CA GLU A 148 -0.67 1.46 -15.32
C GLU A 148 -1.89 0.92 -14.57
N PRO A 149 -1.72 -0.23 -13.88
CA PRO A 149 -2.81 -0.86 -13.12
C PRO A 149 -2.73 -0.47 -11.64
N LEU A 150 -3.88 -0.18 -11.04
CA LEU A 150 -3.94 0.20 -9.63
C LEU A 150 -3.33 -0.92 -8.82
N ARG A 151 -3.96 -2.08 -8.95
CA ARG A 151 -3.49 -3.29 -8.30
C ARG A 151 -3.84 -4.41 -9.24
N GLY A 152 -2.85 -5.21 -9.60
CA GLY A 152 -3.13 -6.31 -10.50
C GLY A 152 -2.14 -6.36 -11.65
N GLN A 153 -2.64 -6.71 -12.83
CA GLN A 153 -1.78 -6.82 -13.99
C GLN A 153 -2.26 -6.01 -15.19
N ASP A 154 -3.51 -6.15 -15.58
CA ASP A 154 -4.02 -5.45 -16.76
C ASP A 154 -4.32 -3.95 -16.68
N THR A 155 -4.47 -3.35 -17.85
CA THR A 155 -4.79 -1.92 -18.02
C THR A 155 -5.47 -1.79 -19.38
N LEU A 156 -6.05 -0.63 -19.67
CA LEU A 156 -6.73 -0.44 -20.94
C LEU A 156 -5.75 -0.66 -22.08
N PHE A 157 -4.49 -0.32 -21.84
CA PHE A 157 -3.49 -0.47 -22.89
C PHE A 157 -3.27 -1.94 -23.26
N SER A 158 -2.87 -2.76 -22.30
CA SER A 158 -2.64 -4.18 -22.59
C SER A 158 -3.83 -4.75 -23.39
N VAL A 159 -5.03 -4.57 -22.85
CA VAL A 159 -6.25 -5.04 -23.51
C VAL A 159 -6.41 -4.51 -24.95
N LEU A 160 -5.96 -3.29 -25.18
CA LEU A 160 -6.06 -2.72 -26.51
C LEU A 160 -4.80 -3.02 -27.29
N ASP A 161 -3.74 -3.34 -26.55
CA ASP A 161 -2.44 -3.63 -27.13
C ASP A 161 -2.47 -4.82 -28.10
N GLU A 162 -2.79 -4.52 -29.36
CA GLU A 162 -2.86 -5.52 -30.42
C GLU A 162 -2.08 -5.04 -31.63
N THR A 163 -1.29 -3.99 -31.41
CA THR A 163 -0.47 -3.40 -32.46
C THR A 163 0.70 -4.35 -32.78
N ARG A 164 1.06 -4.44 -34.05
CA ARG A 164 2.13 -5.33 -34.48
C ARG A 164 3.50 -4.70 -34.73
N THR A 165 3.56 -3.37 -34.69
CA THR A 165 4.83 -2.69 -34.93
C THR A 165 5.13 -1.72 -33.79
N ALA A 166 6.41 -1.53 -33.47
CA ALA A 166 6.76 -0.59 -32.39
C ALA A 166 6.16 0.77 -32.72
N PRO A 167 6.15 1.16 -34.01
CA PRO A 167 5.59 2.45 -34.46
C PRO A 167 4.11 2.58 -34.14
N GLY A 168 3.33 1.59 -34.56
CA GLY A 168 1.89 1.61 -34.31
C GLY A 168 1.63 1.78 -32.83
N ARG A 169 2.22 0.92 -32.01
CA ARG A 169 2.06 0.99 -30.56
C ARG A 169 2.40 2.40 -30.06
N ARG A 170 3.41 3.04 -30.65
CA ARG A 170 3.76 4.40 -30.24
C ARG A 170 2.68 5.35 -30.70
N LEU A 171 2.02 5.01 -31.80
CA LEU A 171 0.95 5.85 -32.36
C LEU A 171 -0.33 5.73 -31.53
N LEU A 172 -0.70 4.49 -31.20
CA LEU A 172 -1.88 4.22 -30.40
C LEU A 172 -1.72 4.94 -29.08
N GLN A 173 -0.60 4.68 -28.41
CA GLN A 173 -0.32 5.29 -27.13
C GLN A 173 -0.53 6.79 -27.17
N SER A 174 -0.18 7.41 -28.30
CA SER A 174 -0.37 8.85 -28.47
C SER A 174 -1.85 9.19 -28.37
N TRP A 175 -2.63 8.58 -29.26
CA TRP A 175 -4.07 8.79 -29.31
C TRP A 175 -4.68 8.71 -27.90
N LEU A 176 -4.22 7.75 -27.11
CA LEU A 176 -4.70 7.59 -25.75
C LEU A 176 -4.33 8.85 -24.96
N ARG A 177 -3.03 9.11 -24.86
CA ARG A 177 -2.52 10.27 -24.14
C ARG A 177 -3.09 11.57 -24.70
N HIS A 178 -3.71 11.49 -25.88
CA HIS A 178 -4.31 12.68 -26.48
C HIS A 178 -5.64 12.38 -27.19
N PRO A 179 -6.75 12.31 -26.43
CA PRO A 179 -8.07 12.03 -27.00
C PRO A 179 -8.49 13.18 -27.93
N LEU A 180 -9.56 12.99 -28.69
CA LEU A 180 -10.02 14.03 -29.61
C LEU A 180 -11.15 14.91 -29.09
N LEU A 181 -11.60 15.83 -29.94
CA LEU A 181 -12.69 16.74 -29.56
C LEU A 181 -13.68 16.89 -30.70
N ASP A 182 -13.21 17.31 -31.87
CA ASP A 182 -14.09 17.47 -33.02
C ASP A 182 -14.61 16.11 -33.49
N ARG A 183 -15.86 16.07 -33.94
CA ARG A 183 -16.47 14.84 -34.42
C ARG A 183 -15.88 14.41 -35.75
N GLY A 184 -15.59 15.39 -36.60
CA GLY A 184 -15.01 15.15 -37.92
C GLY A 184 -13.86 14.18 -37.94
N PRO A 185 -12.83 14.38 -37.09
CA PRO A 185 -11.68 13.48 -37.06
C PRO A 185 -11.99 12.09 -36.49
N LEU A 186 -12.73 12.05 -35.39
CA LEU A 186 -13.11 10.79 -34.76
C LEU A 186 -13.86 9.90 -35.74
N GLU A 187 -14.90 10.46 -36.37
CA GLU A 187 -15.68 9.73 -37.35
C GLU A 187 -14.71 9.11 -38.35
N ALA A 188 -13.85 9.97 -38.92
CA ALA A 188 -12.84 9.55 -39.87
C ALA A 188 -12.10 8.30 -39.39
N ARG A 189 -11.77 8.27 -38.10
CA ARG A 189 -11.06 7.12 -37.52
C ARG A 189 -12.00 5.93 -37.41
N LEU A 190 -13.21 6.18 -36.91
CA LEU A 190 -14.19 5.11 -36.75
C LEU A 190 -14.64 4.53 -38.08
N ASP A 191 -14.65 5.36 -39.11
CA ASP A 191 -15.05 4.90 -40.45
C ASP A 191 -13.98 3.90 -40.86
N ARG A 192 -12.73 4.31 -40.69
CA ARG A 192 -11.58 3.49 -41.03
C ARG A 192 -11.58 2.19 -40.22
N VAL A 193 -11.67 2.31 -38.90
CA VAL A 193 -11.68 1.13 -38.04
C VAL A 193 -12.76 0.15 -38.46
N GLU A 194 -13.91 0.70 -38.86
CA GLU A 194 -15.03 -0.11 -39.28
C GLU A 194 -14.69 -0.82 -40.58
N GLY A 195 -13.66 -0.33 -41.25
CA GLY A 195 -13.22 -0.93 -42.49
C GLY A 195 -12.67 -2.34 -42.33
N PHE A 196 -11.53 -2.47 -41.63
CA PHE A 196 -10.90 -3.77 -41.44
C PHE A 196 -11.74 -4.75 -40.62
N VAL A 197 -12.92 -4.32 -40.21
CA VAL A 197 -13.79 -5.21 -39.46
C VAL A 197 -14.81 -5.83 -40.40
N ARG A 198 -15.30 -5.02 -41.34
CA ARG A 198 -16.26 -5.48 -42.33
C ARG A 198 -15.51 -6.14 -43.46
N GLU A 199 -14.19 -6.18 -43.33
CA GLU A 199 -13.31 -6.80 -44.32
C GLU A 199 -12.35 -7.76 -43.63
N GLY A 200 -12.92 -8.65 -42.82
CA GLY A 200 -12.14 -9.63 -42.09
C GLY A 200 -10.86 -10.08 -42.78
N ALA A 201 -11.00 -10.71 -43.94
CA ALA A 201 -9.85 -11.19 -44.70
C ALA A 201 -8.83 -10.09 -44.90
N LEU A 202 -9.31 -8.92 -45.32
CA LEU A 202 -8.44 -7.77 -45.55
C LEU A 202 -7.58 -7.46 -44.33
N ARG A 203 -8.20 -7.49 -43.15
CA ARG A 203 -7.48 -7.22 -41.90
C ARG A 203 -6.54 -8.39 -41.63
N GLU A 204 -7.00 -9.59 -41.95
CA GLU A 204 -6.21 -10.80 -41.77
C GLU A 204 -4.88 -10.61 -42.49
N GLY A 205 -4.95 -10.10 -43.70
CA GLY A 205 -3.76 -9.89 -44.51
C GLY A 205 -2.72 -8.98 -43.88
N VAL A 206 -2.99 -7.68 -43.89
CA VAL A 206 -2.08 -6.68 -43.34
C VAL A 206 -1.51 -7.05 -41.95
N ARG A 207 -2.35 -7.58 -41.07
CA ARG A 207 -1.90 -7.95 -39.74
C ARG A 207 -0.80 -9.01 -39.82
N ARG A 208 -1.08 -10.06 -40.58
CA ARG A 208 -0.12 -11.13 -40.73
C ARG A 208 1.15 -10.64 -41.42
N LEU A 209 0.99 -9.67 -42.32
CA LEU A 209 2.14 -9.12 -43.05
C LEU A 209 2.97 -8.20 -42.16
N LEU A 210 2.30 -7.27 -41.47
CA LEU A 210 2.98 -6.31 -40.59
C LEU A 210 3.81 -6.99 -39.49
N TYR A 211 3.49 -8.24 -39.19
CA TYR A 211 4.20 -8.98 -38.14
C TYR A 211 5.68 -9.12 -38.48
N GLU A 224 19.35 8.99 -40.88
CA GLU A 224 19.78 10.38 -41.06
C GLU A 224 20.78 10.74 -39.97
N LEU A 225 21.07 9.77 -39.12
CA LEU A 225 22.01 9.97 -38.02
C LEU A 225 23.31 9.22 -38.30
N GLY A 226 23.41 8.65 -39.50
CA GLY A 226 24.60 7.92 -39.85
C GLY A 226 24.93 6.95 -38.75
N ARG A 227 24.05 5.96 -38.57
CA ARG A 227 24.23 4.94 -37.55
C ARG A 227 23.43 3.68 -37.91
N ALA A 228 22.87 3.69 -39.12
CA ALA A 228 22.08 2.58 -39.64
C ALA A 228 22.97 1.41 -40.07
N SER A 229 23.37 0.58 -39.11
CA SER A 229 24.23 -0.57 -39.38
C SER A 229 23.69 -1.42 -40.55
N PRO A 230 24.46 -2.44 -40.96
CA PRO A 230 24.08 -3.33 -42.07
C PRO A 230 22.87 -4.23 -41.81
N LYS A 231 22.81 -4.79 -40.61
CA LYS A 231 21.70 -5.67 -40.25
C LYS A 231 20.35 -4.98 -40.45
N ASP A 232 20.27 -3.71 -40.05
CA ASP A 232 19.05 -2.92 -40.17
C ASP A 232 18.52 -2.88 -41.60
N LEU A 233 19.42 -2.73 -42.56
CA LEU A 233 19.02 -2.72 -43.96
C LEU A 233 18.43 -4.08 -44.30
N GLY A 234 19.02 -5.12 -43.70
CA GLY A 234 18.56 -6.48 -43.93
C GLY A 234 17.07 -6.60 -43.69
N ALA A 235 16.63 -6.04 -42.57
CA ALA A 235 15.22 -6.04 -42.22
C ALA A 235 14.47 -5.20 -43.27
N LEU A 236 14.92 -3.96 -43.43
CA LEU A 236 14.31 -3.03 -44.38
C LEU A 236 14.34 -3.60 -45.80
N ARG A 402 10.68 7.21 -42.60
CA ARG A 402 9.58 7.75 -41.81
C ARG A 402 8.24 7.59 -42.55
N GLU A 403 7.74 8.71 -43.10
CA GLU A 403 6.45 8.75 -43.80
C GLU A 403 5.67 7.45 -43.94
N ALA A 404 6.08 6.59 -44.87
CA ALA A 404 5.40 5.32 -45.09
C ALA A 404 5.15 4.62 -43.76
N ALA A 405 6.20 4.47 -42.97
CA ALA A 405 6.13 3.81 -41.67
C ALA A 405 4.99 4.41 -40.84
N ARG A 406 4.89 5.74 -40.85
CA ARG A 406 3.86 6.45 -40.10
C ARG A 406 2.45 6.10 -40.57
N ILE A 407 2.29 5.81 -41.86
CA ILE A 407 0.98 5.45 -42.37
C ILE A 407 0.82 3.93 -42.29
N LEU A 408 1.89 3.28 -41.84
CA LEU A 408 1.90 1.83 -41.65
C LEU A 408 1.51 1.56 -40.19
N ALA A 409 2.16 2.25 -39.27
CA ALA A 409 1.88 2.13 -37.84
C ALA A 409 0.41 2.52 -37.66
N GLU A 410 -0.01 3.48 -38.47
CA GLU A 410 -1.38 3.99 -38.49
C GLU A 410 -2.29 2.81 -38.88
N LEU A 411 -1.80 2.03 -39.84
CA LEU A 411 -2.52 0.85 -40.34
C LEU A 411 -2.28 -0.35 -39.40
N ASP A 412 -1.11 -0.37 -38.77
CA ASP A 412 -0.75 -1.46 -37.85
C ASP A 412 -1.61 -1.46 -36.59
N VAL A 413 -2.31 -0.36 -36.37
CA VAL A 413 -3.18 -0.25 -35.21
C VAL A 413 -4.63 -0.35 -35.67
N TYR A 414 -4.95 0.21 -36.84
CA TYR A 414 -6.32 0.13 -37.37
C TYR A 414 -6.78 -1.33 -37.28
N ALA A 415 -5.81 -2.23 -37.50
CA ALA A 415 -6.03 -3.67 -37.47
C ALA A 415 -5.93 -4.19 -36.05
N ALA A 416 -4.93 -3.72 -35.31
CA ALA A 416 -4.73 -4.12 -33.93
C ALA A 416 -6.05 -4.05 -33.18
N LEU A 417 -6.66 -2.85 -33.21
CA LEU A 417 -7.94 -2.60 -32.57
C LEU A 417 -8.95 -3.65 -33.00
N ALA A 418 -9.13 -3.80 -34.31
CA ALA A 418 -10.09 -4.75 -34.85
C ALA A 418 -9.87 -6.22 -34.44
N GLU A 419 -8.62 -6.61 -34.15
CA GLU A 419 -8.40 -7.99 -33.72
C GLU A 419 -8.84 -8.07 -32.25
N VAL A 420 -8.87 -6.92 -31.58
CA VAL A 420 -9.32 -6.81 -30.18
C VAL A 420 -10.85 -6.76 -30.18
N ALA A 421 -11.40 -5.86 -31.01
CA ALA A 421 -12.84 -5.71 -31.13
C ALA A 421 -13.45 -7.01 -31.64
N VAL A 422 -12.61 -7.88 -32.17
CA VAL A 422 -13.09 -9.15 -32.68
C VAL A 422 -12.88 -10.24 -31.64
N ARG A 423 -11.67 -10.29 -31.08
CA ARG A 423 -11.34 -11.29 -30.07
C ARG A 423 -12.10 -11.05 -28.76
N TYR A 424 -12.25 -9.79 -28.39
CA TYR A 424 -12.93 -9.39 -27.15
C TYR A 424 -14.34 -8.86 -27.41
N GLY A 425 -14.75 -8.93 -28.68
CA GLY A 425 -16.06 -8.52 -29.12
C GLY A 425 -16.59 -7.14 -28.73
N TYR A 426 -16.03 -6.08 -29.30
CA TYR A 426 -16.48 -4.72 -29.03
C TYR A 426 -17.40 -4.26 -30.16
N VAL A 427 -17.86 -3.01 -30.08
CA VAL A 427 -18.76 -2.44 -31.09
C VAL A 427 -18.42 -0.98 -31.40
N ARG A 428 -18.83 -0.50 -32.57
CA ARG A 428 -18.56 0.89 -32.96
C ARG A 428 -19.55 1.88 -32.37
N PRO A 429 -19.04 2.94 -31.74
CA PRO A 429 -19.82 4.01 -31.11
C PRO A 429 -20.13 5.24 -31.96
N ARG A 430 -21.41 5.45 -32.22
CA ARG A 430 -21.84 6.62 -33.00
C ARG A 430 -21.76 7.78 -32.00
N PHE A 431 -21.45 8.98 -32.48
CA PHE A 431 -21.38 10.14 -31.59
C PHE A 431 -22.67 10.96 -31.64
N GLY A 432 -22.76 11.97 -30.77
CA GLY A 432 -23.94 12.80 -30.72
C GLY A 432 -23.96 13.64 -29.44
N ASP A 433 -25.16 13.95 -28.96
CA ASP A 433 -25.31 14.75 -27.73
C ASP A 433 -25.77 13.91 -26.54
N ARG A 434 -26.30 12.73 -26.83
CA ARG A 434 -26.82 11.88 -25.76
C ARG A 434 -25.88 10.69 -25.50
N LEU A 435 -25.80 10.27 -24.24
CA LEU A 435 -24.94 9.14 -23.84
C LEU A 435 -25.80 7.90 -23.55
N GLN A 436 -25.73 6.92 -24.44
CA GLN A 436 -26.49 5.67 -24.29
C GLN A 436 -25.59 4.47 -24.45
N ILE A 437 -25.52 3.64 -23.43
CA ILE A 437 -24.68 2.44 -23.47
C ILE A 437 -25.50 1.16 -23.35
N ARG A 438 -25.81 0.58 -24.50
CA ARG A 438 -26.57 -0.65 -24.57
C ARG A 438 -25.68 -1.83 -24.14
N ALA A 439 -25.82 -2.27 -22.89
CA ALA A 439 -25.05 -3.40 -22.39
C ALA A 439 -23.53 -3.19 -22.54
N GLY A 440 -23.01 -2.22 -21.81
CA GLY A 440 -21.59 -1.92 -21.87
C GLY A 440 -20.82 -2.80 -20.90
N ARG A 441 -19.49 -2.66 -20.88
CA ARG A 441 -18.63 -3.46 -19.99
C ARG A 441 -17.33 -2.72 -19.63
N HIS A 442 -16.65 -3.20 -18.58
CA HIS A 442 -15.37 -2.61 -18.14
C HIS A 442 -14.31 -3.45 -18.86
N PRO A 443 -13.86 -2.99 -20.04
CA PRO A 443 -12.87 -3.66 -20.89
C PRO A 443 -11.70 -4.19 -20.08
N VAL A 444 -11.38 -3.49 -19.01
CA VAL A 444 -10.27 -3.95 -18.18
C VAL A 444 -10.66 -5.26 -17.48
N VAL A 445 -11.62 -5.16 -16.54
CA VAL A 445 -12.08 -6.32 -15.75
C VAL A 445 -12.79 -7.41 -16.56
N GLU A 446 -13.33 -7.02 -17.71
CA GLU A 446 -14.04 -7.96 -18.56
C GLU A 446 -13.22 -9.19 -18.92
N ARG A 447 -11.92 -9.00 -19.13
CA ARG A 447 -11.01 -10.10 -19.49
C ARG A 447 -10.45 -10.89 -18.31
N ARG A 448 -11.26 -11.09 -17.27
CA ARG A 448 -10.79 -11.83 -16.12
C ARG A 448 -11.89 -12.64 -15.43
N THR A 449 -13.14 -12.47 -15.87
CA THR A 449 -14.29 -13.18 -15.28
C THR A 449 -15.61 -12.84 -16.00
N GLU A 450 -16.67 -13.59 -15.66
CA GLU A 450 -17.98 -13.31 -16.27
C GLU A 450 -18.26 -11.85 -15.92
N PHE A 451 -18.85 -11.11 -16.85
CA PHE A 451 -19.16 -9.71 -16.59
C PHE A 451 -20.58 -9.33 -17.00
N VAL A 452 -21.44 -9.19 -15.99
CA VAL A 452 -22.82 -8.84 -16.25
C VAL A 452 -22.81 -7.40 -16.73
N PRO A 453 -23.11 -7.20 -18.02
CA PRO A 453 -23.13 -5.85 -18.60
C PRO A 453 -24.17 -4.98 -17.90
N ASN A 454 -24.28 -3.73 -18.35
CA ASN A 454 -25.23 -2.77 -17.80
C ASN A 454 -25.64 -1.77 -18.87
N ASP A 455 -26.55 -0.88 -18.52
CA ASP A 455 -27.02 0.14 -19.46
C ASP A 455 -26.99 1.52 -18.82
N LEU A 456 -26.99 2.57 -19.66
CA LEU A 456 -26.95 3.92 -19.13
C LEU A 456 -27.35 4.98 -20.16
N GLU A 457 -28.13 5.96 -19.70
CA GLU A 457 -28.58 7.05 -20.57
C GLU A 457 -28.47 8.37 -19.82
N MSE A 458 -27.85 9.36 -20.47
CA MSE A 458 -27.69 10.68 -19.86
C MSE A 458 -27.72 11.79 -20.88
O MSE A 458 -27.74 11.54 -22.10
CB MSE A 458 -26.36 10.78 -19.13
CG MSE A 458 -26.19 9.86 -17.95
SE MSE A 458 -24.33 9.82 -17.48
CE MSE A 458 -24.25 11.33 -16.27
N ALA A 459 -27.71 13.03 -20.39
CA ALA A 459 -27.74 14.19 -21.24
C ALA A 459 -27.43 15.45 -20.44
N HIS A 460 -26.16 15.65 -20.09
CA HIS A 460 -25.78 16.83 -19.33
C HIS A 460 -26.49 16.81 -17.96
N GLU A 461 -26.80 15.60 -17.47
CA GLU A 461 -27.50 15.46 -16.20
C GLU A 461 -26.56 15.07 -15.05
N LEU A 462 -27.13 15.00 -13.84
CA LEU A 462 -26.38 14.57 -12.66
C LEU A 462 -27.08 13.25 -12.30
N VAL A 463 -26.35 12.14 -12.35
CA VAL A 463 -26.96 10.86 -12.06
C VAL A 463 -26.37 10.25 -10.80
N LEU A 464 -27.12 10.32 -9.71
CA LEU A 464 -26.62 9.73 -8.45
C LEU A 464 -26.63 8.18 -8.55
N ILE A 465 -25.75 7.54 -7.77
CA ILE A 465 -25.70 6.07 -7.82
C ILE A 465 -25.64 5.52 -6.38
N THR A 466 -26.77 5.03 -5.88
CA THR A 466 -26.79 4.52 -4.53
C THR A 466 -26.77 3.01 -4.43
N GLY A 467 -27.16 2.53 -3.26
CA GLY A 467 -27.17 1.10 -3.01
C GLY A 467 -25.91 0.79 -2.24
N PRO A 468 -25.62 -0.48 -1.97
CA PRO A 468 -24.39 -0.75 -1.22
C PRO A 468 -23.24 -0.80 -2.21
N ASN A 469 -22.02 -0.96 -1.69
CA ASN A 469 -20.86 -1.07 -2.56
C ASN A 469 -20.83 -2.55 -2.91
N MSE A 470 -19.72 -3.01 -3.46
CA MSE A 470 -19.60 -4.42 -3.81
C MSE A 470 -20.68 -4.87 -4.79
O MSE A 470 -20.94 -6.06 -4.90
CB MSE A 470 -19.72 -5.29 -2.57
CG MSE A 470 -18.67 -5.00 -1.52
SE MSE A 470 -18.98 -6.15 -0.03
CE MSE A 470 -18.78 -7.84 -0.95
N ALA A 471 -21.29 -3.94 -5.50
CA ALA A 471 -22.32 -4.31 -6.46
C ALA A 471 -22.12 -3.67 -7.83
N GLY A 472 -20.92 -3.16 -8.07
CA GLY A 472 -20.62 -2.55 -9.35
C GLY A 472 -20.50 -1.05 -9.41
N LYS A 473 -21.03 -0.33 -8.41
CA LYS A 473 -20.99 1.14 -8.43
C LYS A 473 -19.72 1.74 -9.00
N SER A 474 -18.64 1.67 -8.21
CA SER A 474 -17.37 2.21 -8.66
C SER A 474 -17.00 1.73 -10.06
N THR A 475 -16.74 0.42 -10.19
CA THR A 475 -16.40 -0.15 -11.48
C THR A 475 -17.38 0.32 -12.55
N PHE A 476 -18.63 0.57 -12.14
CA PHE A 476 -19.63 1.04 -13.07
C PHE A 476 -19.33 2.46 -13.54
N LEU A 477 -18.74 3.28 -12.68
CA LEU A 477 -18.41 4.68 -13.05
C LEU A 477 -17.29 4.64 -14.07
N ARG A 478 -16.23 3.90 -13.72
CA ARG A 478 -15.07 3.73 -14.58
C ARG A 478 -15.50 3.14 -15.92
N GLN A 479 -16.19 2.01 -15.85
CA GLN A 479 -16.69 1.33 -17.04
C GLN A 479 -17.23 2.34 -18.06
N THR A 480 -17.70 3.48 -17.57
CA THR A 480 -18.24 4.51 -18.46
C THR A 480 -17.16 5.42 -19.03
N ALA A 481 -16.27 5.87 -18.15
CA ALA A 481 -15.20 6.76 -18.56
C ALA A 481 -14.45 6.08 -19.71
N LEU A 482 -13.94 4.87 -19.45
CA LEU A 482 -13.21 4.10 -20.45
C LEU A 482 -13.91 4.12 -21.82
N ILE A 483 -15.13 3.60 -21.87
CA ILE A 483 -15.88 3.59 -23.12
C ILE A 483 -15.75 4.97 -23.78
N ALA A 484 -15.98 6.02 -22.99
CA ALA A 484 -15.90 7.37 -23.51
C ALA A 484 -14.53 7.57 -24.14
N LEU A 485 -13.51 7.30 -23.33
CA LEU A 485 -12.11 7.42 -23.73
C LEU A 485 -11.80 6.53 -24.94
N LEU A 486 -12.12 5.24 -24.81
CA LEU A 486 -11.92 4.29 -25.88
C LEU A 486 -12.54 4.82 -27.16
N ALA A 487 -13.66 5.53 -27.04
CA ALA A 487 -14.32 6.06 -28.23
C ALA A 487 -13.56 7.25 -28.75
N GLN A 488 -13.24 8.19 -27.87
CA GLN A 488 -12.52 9.37 -28.28
C GLN A 488 -11.07 9.09 -28.68
N VAL A 489 -10.62 7.85 -28.48
CA VAL A 489 -9.25 7.50 -28.90
C VAL A 489 -9.29 6.88 -30.28
N GLY A 490 -10.43 6.28 -30.63
CA GLY A 490 -10.57 5.69 -31.95
C GLY A 490 -10.67 4.18 -32.02
N SER A 491 -11.30 3.56 -31.03
CA SER A 491 -11.46 2.10 -31.06
C SER A 491 -12.93 1.77 -30.89
N PHE A 492 -13.27 0.50 -31.09
CA PHE A 492 -14.65 0.07 -30.86
C PHE A 492 -14.61 -0.23 -29.38
N VAL A 493 -15.75 -0.11 -28.70
CA VAL A 493 -15.79 -0.33 -27.26
C VAL A 493 -16.57 -1.57 -26.83
N PRO A 494 -16.40 -1.99 -25.57
CA PRO A 494 -17.09 -3.16 -25.04
C PRO A 494 -18.58 -2.88 -24.71
N ALA A 495 -19.46 -3.09 -25.70
CA ALA A 495 -20.89 -2.85 -25.54
C ALA A 495 -21.72 -3.69 -26.51
N GLU A 496 -22.89 -3.14 -26.85
CA GLU A 496 -23.82 -3.75 -27.80
C GLU A 496 -24.05 -2.58 -28.74
N GLU A 497 -24.55 -1.49 -28.18
CA GLU A 497 -24.75 -0.24 -28.91
C GLU A 497 -24.16 0.77 -27.94
N ALA A 498 -23.83 1.96 -28.44
CA ALA A 498 -23.28 2.99 -27.58
C ALA A 498 -23.22 4.35 -28.28
N HIS A 499 -23.98 5.29 -27.74
CA HIS A 499 -24.01 6.64 -28.27
C HIS A 499 -23.36 7.54 -27.24
N LEU A 500 -22.22 8.10 -27.58
CA LEU A 500 -21.50 8.99 -26.69
C LEU A 500 -21.45 10.38 -27.31
N PRO A 501 -21.33 11.42 -26.49
CA PRO A 501 -21.25 12.81 -26.97
C PRO A 501 -19.74 13.06 -27.11
N LEU A 502 -19.34 14.25 -27.52
CA LEU A 502 -17.91 14.52 -27.65
C LEU A 502 -17.33 15.24 -26.44
N PHE A 503 -17.07 14.46 -25.38
CA PHE A 503 -16.52 14.98 -24.14
C PHE A 503 -15.28 15.84 -24.34
N ASP A 504 -15.23 16.97 -23.63
CA ASP A 504 -14.07 17.85 -23.72
C ASP A 504 -13.02 17.33 -22.75
N GLY A 505 -13.48 16.77 -21.64
CA GLY A 505 -12.57 16.22 -20.65
C GLY A 505 -13.20 15.11 -19.82
N ILE A 506 -12.36 14.31 -19.17
CA ILE A 506 -12.84 13.21 -18.34
C ILE A 506 -12.14 13.23 -16.97
N TYR A 507 -12.68 14.05 -16.08
CA TYR A 507 -12.13 14.20 -14.73
C TYR A 507 -12.79 13.18 -13.81
N THR A 508 -12.01 12.73 -12.82
CA THR A 508 -12.48 11.75 -11.83
C THR A 508 -12.29 12.21 -10.40
N ARG A 509 -12.52 11.27 -9.49
CA ARG A 509 -12.38 11.45 -8.04
C ARG A 509 -12.74 10.09 -7.48
N ILE A 510 -11.89 9.10 -7.74
CA ILE A 510 -12.17 7.73 -7.34
C ILE A 510 -11.23 7.09 -6.35
N GLY A 511 -11.79 6.14 -5.59
CA GLY A 511 -11.03 5.42 -4.57
C GLY A 511 -9.99 6.24 -3.82
N ALA A 512 -8.89 5.57 -3.47
CA ALA A 512 -7.78 6.19 -2.75
C ALA A 512 -8.19 6.69 -1.35
N GLY A 519 1.92 13.95 5.23
CA GLY A 519 1.52 15.30 4.86
C GLY A 519 0.05 15.53 5.17
N LYS A 520 -0.76 15.59 4.11
CA LYS A 520 -2.20 15.82 4.28
C LYS A 520 -2.96 14.50 4.47
N SER A 521 -4.29 14.59 4.54
CA SER A 521 -5.15 13.43 4.73
C SER A 521 -6.02 13.17 3.51
N THR A 522 -6.51 11.93 3.44
CA THR A 522 -7.38 11.51 2.34
C THR A 522 -8.32 12.66 2.07
N PHE A 523 -8.91 13.15 3.17
CA PHE A 523 -9.86 14.21 3.06
C PHE A 523 -9.40 15.41 2.26
N MSE A 524 -8.38 16.10 2.75
CA MSE A 524 -7.95 17.28 2.02
C MSE A 524 -7.74 16.92 0.57
O MSE A 524 -8.36 17.52 -0.34
CB MSE A 524 -6.68 17.88 2.60
CG MSE A 524 -6.42 19.24 2.02
SE MSE A 524 -5.71 20.41 3.34
CE MSE A 524 -3.84 20.23 2.87
N VAL A 525 -6.89 15.92 0.35
CA VAL A 525 -6.59 15.45 -0.99
C VAL A 525 -7.85 15.41 -1.83
N GLU A 526 -8.78 14.54 -1.43
CA GLU A 526 -10.03 14.41 -2.16
C GLU A 526 -10.71 15.74 -2.42
N MSE A 527 -10.65 16.68 -1.46
CA MSE A 527 -11.29 17.96 -1.71
C MSE A 527 -10.63 18.62 -2.93
O MSE A 527 -11.30 18.90 -3.96
CB MSE A 527 -11.20 18.89 -0.49
CG MSE A 527 -12.26 18.62 0.59
SE MSE A 527 -14.06 18.20 -0.08
CE MSE A 527 -14.34 16.53 0.88
N GLU A 528 -9.32 18.82 -2.83
CA GLU A 528 -8.54 19.42 -3.91
C GLU A 528 -8.96 18.76 -5.23
N GLU A 529 -9.15 17.44 -5.20
CA GLU A 529 -9.56 16.73 -6.40
C GLU A 529 -10.82 17.39 -6.97
N VAL A 530 -11.87 17.44 -6.13
CA VAL A 530 -13.15 18.03 -6.51
C VAL A 530 -13.00 19.48 -6.92
N ALA A 531 -12.15 20.21 -6.18
CA ALA A 531 -11.91 21.63 -6.50
C ALA A 531 -11.62 21.80 -8.01
N LEU A 532 -10.61 21.05 -8.48
CA LEU A 532 -10.17 21.05 -9.88
C LEU A 532 -11.35 20.84 -10.82
N ILE A 533 -12.04 19.73 -10.59
CA ILE A 533 -13.21 19.37 -11.39
C ILE A 533 -14.10 20.61 -11.50
N LEU A 534 -14.46 21.15 -10.34
CA LEU A 534 -15.31 22.33 -10.31
C LEU A 534 -14.62 23.42 -11.09
N LYS A 535 -13.30 23.44 -11.02
CA LYS A 535 -12.52 24.48 -11.69
C LYS A 535 -12.05 24.23 -13.12
N GLU A 536 -12.59 23.18 -13.75
CA GLU A 536 -12.25 22.85 -15.15
C GLU A 536 -13.46 22.19 -15.87
N ALA A 537 -14.32 21.55 -15.10
CA ALA A 537 -15.49 20.89 -15.68
C ALA A 537 -16.33 21.93 -16.39
N THR A 538 -17.00 21.49 -17.44
CA THR A 538 -17.86 22.37 -18.23
C THR A 538 -19.13 21.63 -18.63
N GLU A 539 -19.97 22.26 -19.45
CA GLU A 539 -21.21 21.64 -19.88
C GLU A 539 -20.97 20.41 -20.76
N ASN A 540 -19.72 20.18 -21.14
CA ASN A 540 -19.39 19.04 -21.98
C ASN A 540 -18.47 18.09 -21.25
N SER A 541 -17.91 18.54 -20.13
CA SER A 541 -17.01 17.70 -19.34
C SER A 541 -17.77 16.46 -18.84
N LEU A 542 -17.01 15.39 -18.61
CA LEU A 542 -17.62 14.19 -18.07
C LEU A 542 -17.02 14.08 -16.68
N VAL A 543 -17.86 13.95 -15.68
CA VAL A 543 -17.35 13.85 -14.33
C VAL A 543 -17.91 12.67 -13.59
N LEU A 544 -17.02 11.99 -12.88
CA LEU A 544 -17.42 10.82 -12.13
C LEU A 544 -17.04 11.05 -10.68
N LEU A 545 -18.04 11.09 -9.82
CA LEU A 545 -17.73 11.29 -8.41
C LEU A 545 -18.12 10.05 -7.64
N ASP A 546 -17.36 9.81 -6.57
CA ASP A 546 -17.60 8.65 -5.71
C ASP A 546 -17.42 9.03 -4.23
N GLU A 547 -18.54 9.02 -3.49
CA GLU A 547 -18.49 9.35 -2.07
C GLU A 547 -17.86 10.71 -1.76
N VAL A 548 -17.90 11.64 -2.73
CA VAL A 548 -17.30 12.95 -2.50
C VAL A 548 -17.79 13.45 -1.17
N GLY A 549 -16.86 13.87 -0.32
CA GLY A 549 -17.23 14.36 0.99
C GLY A 549 -17.53 13.28 2.01
N ARG A 550 -16.54 12.42 2.22
CA ARG A 550 -16.64 11.34 3.21
C ARG A 550 -15.50 11.62 4.17
N GLY A 551 -15.17 10.63 5.00
CA GLY A 551 -14.07 10.81 5.95
C GLY A 551 -14.16 12.16 6.62
N THR A 552 -15.30 12.40 7.28
CA THR A 552 -15.57 13.65 7.97
C THR A 552 -16.88 13.50 8.74
N SER A 553 -17.04 14.34 9.75
CA SER A 553 -18.21 14.35 10.62
C SER A 553 -19.55 14.47 9.90
N SER A 554 -20.55 13.85 10.53
CA SER A 554 -21.95 13.80 10.06
C SER A 554 -22.42 14.86 9.06
N LEU A 555 -22.96 15.95 9.61
CA LEU A 555 -23.47 17.05 8.80
C LEU A 555 -22.53 17.44 7.65
N ASP A 556 -21.37 17.97 7.99
CA ASP A 556 -20.36 18.38 7.00
C ASP A 556 -20.38 17.44 5.79
N GLY A 557 -20.48 16.15 6.07
CA GLY A 557 -20.53 15.16 5.01
C GLY A 557 -21.69 15.44 4.08
N VAL A 558 -22.89 15.09 4.58
CA VAL A 558 -24.10 15.29 3.79
C VAL A 558 -24.18 16.74 3.33
N ALA A 559 -23.47 17.60 4.04
CA ALA A 559 -23.45 19.00 3.69
C ALA A 559 -22.70 19.15 2.35
N ILE A 560 -21.37 19.12 2.41
CA ILE A 560 -20.49 19.27 1.23
C ILE A 560 -21.09 18.61 -0.02
N ALA A 561 -21.44 17.33 0.15
CA ALA A 561 -22.03 16.53 -0.92
C ALA A 561 -23.05 17.32 -1.77
N THR A 562 -24.00 17.93 -1.07
CA THR A 562 -25.06 18.68 -1.71
C THR A 562 -24.54 19.85 -2.55
N ALA A 563 -23.63 20.63 -1.98
CA ALA A 563 -23.08 21.79 -2.70
C ALA A 563 -22.42 21.32 -4.01
N VAL A 564 -21.45 20.44 -3.86
CA VAL A 564 -20.73 19.85 -5.00
C VAL A 564 -21.73 19.41 -6.06
N ALA A 565 -22.74 18.65 -5.64
CA ALA A 565 -23.78 18.19 -6.55
C ALA A 565 -24.37 19.38 -7.33
N GLU A 566 -25.21 20.17 -6.66
CA GLU A 566 -25.85 21.33 -7.29
C GLU A 566 -24.81 22.06 -8.12
N ALA A 567 -23.61 22.18 -7.53
CA ALA A 567 -22.46 22.86 -8.15
C ALA A 567 -22.22 22.30 -9.55
N LEU A 568 -22.13 20.98 -9.62
CA LEU A 568 -21.95 20.32 -10.90
C LEU A 568 -23.27 20.42 -11.67
N HIS A 569 -24.37 20.16 -10.97
CA HIS A 569 -25.70 20.21 -11.56
C HIS A 569 -25.88 21.47 -12.40
N GLU A 570 -25.54 22.62 -11.82
CA GLU A 570 -25.68 23.88 -12.52
C GLU A 570 -24.73 23.91 -13.69
N ARG A 571 -23.60 23.24 -13.55
CA ARG A 571 -22.61 23.20 -14.62
C ARG A 571 -23.19 22.44 -15.82
N ARG A 572 -24.21 21.62 -15.57
CA ARG A 572 -24.85 20.87 -16.64
C ARG A 572 -23.89 19.92 -17.32
N ALA A 573 -22.94 19.40 -16.55
CA ALA A 573 -21.95 18.47 -17.07
C ALA A 573 -22.37 17.02 -16.79
N TYR A 574 -22.12 16.14 -17.76
CA TYR A 574 -22.45 14.73 -17.59
C TYR A 574 -21.74 14.27 -16.32
N THR A 575 -22.50 14.11 -15.24
CA THR A 575 -21.91 13.69 -13.97
C THR A 575 -22.51 12.40 -13.39
N LEU A 576 -21.66 11.39 -13.23
CA LEU A 576 -22.10 10.14 -12.65
C LEU A 576 -21.57 10.16 -11.24
N PHE A 577 -22.36 10.81 -10.40
CA PHE A 577 -22.04 10.95 -8.99
C PHE A 577 -22.61 9.69 -8.31
N ALA A 578 -21.74 8.96 -7.63
CA ALA A 578 -22.17 7.72 -6.96
C ALA A 578 -22.00 7.98 -5.47
N THR A 579 -23.09 7.86 -4.71
CA THR A 579 -23.04 8.11 -3.26
C THR A 579 -23.91 7.20 -2.41
N HIS A 580 -23.77 7.34 -1.10
CA HIS A 580 -24.57 6.57 -0.17
C HIS A 580 -25.50 7.57 0.54
N TYR A 581 -25.30 8.84 0.23
CA TYR A 581 -26.09 9.91 0.82
C TYR A 581 -27.49 9.98 0.27
N PHE A 582 -28.43 9.39 1.00
CA PHE A 582 -29.80 9.44 0.55
C PHE A 582 -30.21 10.90 0.39
N GLU A 583 -30.09 11.69 1.47
CA GLU A 583 -30.46 13.12 1.39
C GLU A 583 -30.20 13.67 -0.01
N LEU A 584 -28.99 13.43 -0.52
CA LEU A 584 -28.68 13.90 -1.86
C LEU A 584 -29.70 13.42 -2.89
N THR A 585 -30.07 12.13 -2.84
CA THR A 585 -31.02 11.59 -3.81
C THR A 585 -32.38 12.31 -3.90
N ALA A 586 -32.82 12.92 -2.81
CA ALA A 586 -34.10 13.64 -2.83
C ALA A 586 -33.88 15.16 -2.84
N LEU A 587 -33.38 15.69 -3.96
CA LEU A 587 -33.10 17.12 -4.06
C LEU A 587 -33.76 17.79 -5.27
N GLY A 588 -34.97 17.36 -5.60
CA GLY A 588 -35.70 17.93 -6.72
C GLY A 588 -35.05 19.04 -7.56
N LEU A 589 -34.16 18.64 -8.46
CA LEU A 589 -33.50 19.59 -9.36
C LEU A 589 -33.95 19.12 -10.74
N PRO A 590 -34.11 20.06 -11.67
CA PRO A 590 -34.55 19.62 -13.00
C PRO A 590 -33.71 18.52 -13.67
N ARG A 591 -32.38 18.58 -13.56
CA ARG A 591 -31.53 17.58 -14.22
C ARG A 591 -30.98 16.43 -13.38
N LEU A 592 -31.59 16.16 -12.23
CA LEU A 592 -31.12 15.03 -11.43
C LEU A 592 -31.63 13.76 -12.10
N LYS A 593 -31.31 12.63 -11.49
CA LYS A 593 -31.71 11.31 -11.99
C LYS A 593 -31.16 10.37 -10.94
N ASN A 594 -31.87 9.29 -10.67
CA ASN A 594 -31.38 8.36 -9.64
C ASN A 594 -31.30 6.91 -10.08
N LEU A 595 -30.16 6.30 -9.82
CA LEU A 595 -29.95 4.88 -10.15
C LEU A 595 -29.32 4.27 -8.91
N HIS A 596 -29.67 3.03 -8.61
CA HIS A 596 -29.14 2.35 -7.43
C HIS A 596 -28.78 0.92 -7.79
N VAL A 597 -27.93 0.30 -6.97
CA VAL A 597 -27.58 -1.11 -7.23
C VAL A 597 -28.01 -1.81 -5.96
N ALA A 598 -28.41 -3.07 -6.09
CA ALA A 598 -28.90 -3.81 -4.94
C ALA A 598 -28.06 -4.96 -4.40
N ALA A 599 -28.26 -5.24 -3.12
CA ALA A 599 -27.63 -6.35 -2.41
C ALA A 599 -28.85 -7.22 -2.07
N ARG A 600 -28.65 -8.51 -1.82
CA ARG A 600 -29.80 -9.37 -1.55
C ARG A 600 -29.56 -10.41 -0.47
N GLU A 601 -30.19 -10.24 0.69
CA GLU A 601 -30.05 -11.18 1.79
C GLU A 601 -30.68 -12.54 1.48
N GLU A 602 -30.12 -13.24 0.50
CA GLU A 602 -30.63 -14.55 0.12
C GLU A 602 -29.84 -15.61 0.90
N ALA A 603 -29.98 -16.85 0.47
CA ALA A 603 -29.31 -17.99 1.09
C ALA A 603 -28.15 -17.69 2.06
N GLY A 604 -27.16 -16.94 1.59
CA GLY A 604 -26.00 -16.63 2.41
C GLY A 604 -26.15 -15.62 3.54
N GLY A 605 -26.20 -14.34 3.17
CA GLY A 605 -26.36 -13.26 4.14
C GLY A 605 -26.86 -12.07 3.35
N LEU A 606 -26.39 -12.03 2.11
CA LEU A 606 -26.73 -11.02 1.09
C LEU A 606 -26.32 -11.63 -0.24
N VAL A 607 -26.72 -10.97 -1.32
CA VAL A 607 -26.43 -11.45 -2.66
C VAL A 607 -26.39 -10.25 -3.62
N PHE A 608 -25.29 -9.48 -3.51
CA PHE A 608 -25.03 -8.27 -4.31
C PHE A 608 -25.31 -8.48 -5.80
N TYR A 609 -25.97 -7.52 -6.42
CA TYR A 609 -26.27 -7.62 -7.85
C TYR A 609 -25.52 -6.60 -8.73
N HIS A 610 -24.70 -7.10 -9.66
CA HIS A 610 -23.93 -6.25 -10.58
C HIS A 610 -24.87 -5.62 -11.60
N GLN A 611 -25.97 -5.08 -11.09
CA GLN A 611 -26.97 -4.42 -11.92
C GLN A 611 -27.21 -3.02 -11.42
N VAL A 612 -27.32 -2.09 -12.37
CA VAL A 612 -27.57 -0.71 -12.08
C VAL A 612 -28.91 -0.35 -12.67
N LEU A 613 -29.94 -0.44 -11.81
CA LEU A 613 -31.33 -0.12 -12.15
C LEU A 613 -31.74 1.30 -11.82
N PRO A 614 -32.74 1.83 -12.55
CA PRO A 614 -33.24 3.19 -12.34
C PRO A 614 -34.00 3.38 -11.02
N GLY A 615 -34.03 4.64 -10.58
CA GLY A 615 -34.69 4.97 -9.32
C GLY A 615 -33.77 4.64 -8.13
N PRO A 616 -33.74 5.52 -7.11
CA PRO A 616 -32.92 5.39 -5.89
C PRO A 616 -33.18 4.10 -5.11
N ALA A 617 -32.23 3.75 -4.26
CA ALA A 617 -32.37 2.56 -3.44
C ALA A 617 -33.43 2.82 -2.37
N SER A 618 -34.34 1.85 -2.20
CA SER A 618 -35.44 1.94 -1.24
C SER A 618 -34.99 1.81 0.23
N LYS A 619 -34.40 0.67 0.58
CA LYS A 619 -33.92 0.50 1.95
C LYS A 619 -32.48 0.99 2.02
N SER A 620 -31.88 0.86 3.20
CA SER A 620 -30.49 1.23 3.38
C SER A 620 -29.85 -0.11 3.67
N TYR A 621 -28.62 -0.34 3.19
CA TYR A 621 -28.00 -1.64 3.43
C TYR A 621 -26.80 -1.66 4.37
N GLY A 622 -26.45 -0.49 4.90
CA GLY A 622 -25.31 -0.39 5.80
C GLY A 622 -25.26 -1.53 6.80
N VAL A 623 -25.97 -1.34 7.91
CA VAL A 623 -26.04 -2.33 8.98
C VAL A 623 -26.09 -3.75 8.44
N GLU A 624 -26.77 -3.94 7.32
CA GLU A 624 -26.86 -5.25 6.67
C GLU A 624 -25.44 -5.70 6.34
N VAL A 625 -24.88 -5.10 5.29
CA VAL A 625 -23.52 -5.40 4.89
C VAL A 625 -22.72 -5.62 6.16
N ALA A 626 -22.75 -4.59 7.01
CA ALA A 626 -22.06 -4.62 8.29
C ALA A 626 -22.30 -5.97 8.94
N ALA A 627 -23.57 -6.26 9.25
CA ALA A 627 -23.94 -7.53 9.88
C ALA A 627 -23.31 -8.66 9.09
N MSE A 628 -23.58 -8.64 7.79
CA MSE A 628 -23.06 -9.67 6.90
C MSE A 628 -21.56 -9.86 7.05
O MSE A 628 -21.10 -10.99 7.25
CB MSE A 628 -23.38 -9.31 5.46
CG MSE A 628 -22.79 -10.25 4.45
SE MSE A 628 -23.21 -9.67 2.68
CE MSE A 628 -23.45 -11.41 1.86
N ALA A 629 -20.81 -8.77 6.94
CA ALA A 629 -19.36 -8.82 7.03
C ALA A 629 -18.89 -9.78 8.11
N GLY A 630 -19.65 -9.86 9.21
CA GLY A 630 -19.25 -10.78 10.27
C GLY A 630 -19.44 -10.23 11.68
N LEU A 631 -20.05 -9.05 11.75
CA LEU A 631 -20.34 -8.35 13.00
C LEU A 631 -21.09 -9.19 14.06
N PRO A 632 -20.75 -9.03 15.34
CA PRO A 632 -21.46 -9.81 16.37
C PRO A 632 -22.96 -9.45 16.38
N LYS A 633 -23.82 -10.47 16.43
CA LYS A 633 -25.27 -10.29 16.39
C LYS A 633 -25.92 -9.29 17.33
N GLU A 634 -25.46 -9.20 18.58
CA GLU A 634 -26.06 -8.24 19.49
C GLU A 634 -25.73 -6.84 18.94
N VAL A 635 -24.48 -6.63 18.54
CA VAL A 635 -24.04 -5.34 18.00
C VAL A 635 -24.87 -4.91 16.81
N VAL A 636 -25.06 -5.86 15.89
CA VAL A 636 -25.87 -5.59 14.69
C VAL A 636 -27.25 -5.17 15.16
N ALA A 637 -27.79 -5.92 16.13
CA ALA A 637 -29.09 -5.64 16.70
C ALA A 637 -29.08 -4.21 17.22
N ARG A 638 -28.28 -3.99 18.27
CA ARG A 638 -28.14 -2.68 18.90
C ARG A 638 -27.89 -1.63 17.79
N ALA A 639 -27.52 -2.14 16.62
CA ALA A 639 -27.25 -1.30 15.48
C ALA A 639 -28.55 -1.05 14.72
N ARG A 640 -29.21 -2.13 14.29
CA ARG A 640 -30.47 -2.00 13.56
C ARG A 640 -31.47 -1.14 14.37
N ALA A 641 -31.43 -1.38 15.69
CA ALA A 641 -32.28 -0.65 16.62
C ALA A 641 -31.95 0.84 16.50
N LEU A 642 -30.80 1.25 17.04
CA LEU A 642 -30.42 2.67 16.99
C LEU A 642 -30.79 3.25 15.62
N LEU A 643 -30.74 2.39 14.60
CA LEU A 643 -31.06 2.84 13.26
C LEU A 643 -32.53 3.23 13.24
N GLN A 644 -33.39 2.22 13.41
CA GLN A 644 -34.84 2.40 13.42
C GLN A 644 -35.12 3.69 14.20
N ALA A 645 -34.62 3.72 15.43
CA ALA A 645 -34.75 4.89 16.29
C ALA A 645 -34.60 6.14 15.39
N MSE A 646 -33.35 6.44 15.05
CA MSE A 646 -33.05 7.60 14.21
C MSE A 646 -33.90 7.69 12.93
O MSE A 646 -34.17 8.79 12.42
CB MSE A 646 -31.56 7.57 13.85
CG MSE A 646 -30.66 7.58 15.07
SE MSE A 646 -28.79 7.25 14.66
CE MSE A 646 -28.50 5.67 15.80
N ALA A 647 -34.32 6.52 12.42
CA ALA A 647 -35.13 6.44 11.21
C ALA A 647 -36.46 7.21 11.34
N ALA A 648 -37.27 6.82 12.32
CA ALA A 648 -38.55 7.48 12.54
C ALA A 648 -38.34 8.71 13.44
N ARG A 649 -37.33 9.50 13.11
CA ARG A 649 -36.99 10.72 13.86
C ARG A 649 -36.75 10.42 15.33
N THR B 1 15.59 -24.84 -3.25
CA THR B 1 14.40 -24.32 -2.57
C THR B 1 14.75 -23.03 -1.85
N PRO B 2 13.99 -21.95 -2.12
CA PRO B 2 14.26 -20.67 -1.46
C PRO B 2 14.15 -20.87 0.05
N GLY B 3 13.64 -22.05 0.42
CA GLY B 3 13.45 -22.39 1.81
C GLY B 3 14.49 -23.37 2.36
N THR B 4 15.25 -23.99 1.46
CA THR B 4 16.28 -24.94 1.87
C THR B 4 17.66 -24.38 1.57
N LEU B 5 17.69 -23.14 1.09
CA LEU B 5 18.97 -22.49 0.76
C LEU B 5 19.84 -22.46 2.01
N LEU B 6 20.95 -23.19 1.96
CA LEU B 6 21.86 -23.25 3.10
C LEU B 6 23.12 -22.38 2.91
N GLN B 7 23.33 -21.90 1.69
CA GLN B 7 24.50 -21.07 1.40
C GLN B 7 24.42 -19.63 1.95
N GLU B 8 25.35 -19.34 2.85
CA GLU B 8 25.47 -18.04 3.50
C GLU B 8 25.50 -16.86 2.54
N SER B 9 25.59 -17.15 1.23
CA SER B 9 25.62 -16.09 0.22
C SER B 9 24.25 -15.81 -0.40
N LEU B 10 23.20 -16.35 0.23
CA LEU B 10 21.83 -16.15 -0.22
C LEU B 10 20.87 -16.14 0.96
N LEU B 11 21.31 -15.54 2.06
CA LEU B 11 20.53 -15.46 3.29
C LEU B 11 20.83 -14.18 4.07
N PRO B 12 19.80 -13.34 4.32
CA PRO B 12 19.97 -12.08 5.06
C PRO B 12 20.18 -12.37 6.55
N ARG B 13 20.66 -11.39 7.31
CA ARG B 13 20.89 -11.62 8.74
C ARG B 13 19.60 -12.13 9.38
N GLU B 14 18.49 -11.97 8.68
CA GLU B 14 17.19 -12.42 9.16
C GLU B 14 17.00 -13.89 8.86
N ALA B 15 16.03 -14.52 9.54
CA ALA B 15 15.76 -15.93 9.32
C ALA B 15 14.90 -16.16 8.09
N ASN B 16 14.91 -17.40 7.63
CA ASN B 16 14.16 -17.79 6.45
C ASN B 16 13.42 -19.07 6.84
N TYR B 17 12.32 -19.37 6.15
CA TYR B 17 11.58 -20.57 6.50
C TYR B 17 10.96 -21.33 5.36
N LEU B 18 10.99 -22.65 5.51
CA LEU B 18 10.37 -23.57 4.57
C LEU B 18 9.17 -24.02 5.41
N ALA B 19 7.97 -23.76 4.92
CA ALA B 19 6.77 -24.09 5.67
C ALA B 19 5.90 -25.17 5.04
N ALA B 20 5.30 -25.99 5.89
CA ALA B 20 4.40 -27.04 5.46
C ALA B 20 3.09 -26.92 6.26
N ILE B 21 1.98 -27.18 5.59
CA ILE B 21 0.66 -27.11 6.21
C ILE B 21 -0.11 -28.41 6.01
N ALA B 22 -0.32 -29.12 7.11
CA ALA B 22 -1.05 -30.40 7.08
C ALA B 22 -2.29 -30.32 7.98
N THR B 23 -3.31 -31.09 7.64
CA THR B 23 -4.57 -31.09 8.40
C THR B 23 -4.74 -32.29 9.33
N GLY B 24 -5.66 -32.17 10.28
CA GLY B 24 -5.92 -33.25 11.22
C GLY B 24 -5.85 -32.86 12.69
N ASP B 25 -7.02 -32.66 13.32
CA ASP B 25 -7.08 -32.26 14.73
C ASP B 25 -6.37 -30.93 14.93
N GLY B 26 -6.73 -29.98 14.09
CA GLY B 26 -6.12 -28.65 14.13
C GLY B 26 -5.44 -28.45 12.79
N TRP B 27 -4.67 -27.37 12.67
CA TRP B 27 -3.96 -27.10 11.43
C TRP B 27 -2.45 -27.12 11.61
N GLY B 28 -1.81 -28.11 11.01
CA GLY B 28 -0.37 -28.29 11.12
C GLY B 28 0.49 -27.25 10.41
N LEU B 29 1.32 -26.58 11.19
CA LEU B 29 2.21 -25.55 10.66
C LEU B 29 3.65 -25.89 11.07
N ALA B 30 4.48 -26.20 10.07
CA ALA B 30 5.88 -26.55 10.32
C ALA B 30 6.81 -25.55 9.65
N PHE B 31 7.64 -24.91 10.45
CA PHE B 31 8.60 -23.92 9.97
C PHE B 31 10.02 -24.43 10.16
N LEU B 32 10.78 -24.45 9.08
CA LEU B 32 12.17 -24.90 9.13
C LEU B 32 13.07 -24.04 8.24
N ASP B 33 14.30 -23.86 8.72
CA ASP B 33 15.31 -23.10 7.98
C ASP B 33 16.63 -23.85 8.00
N VAL B 34 17.01 -24.36 6.84
CA VAL B 34 18.27 -25.10 6.71
C VAL B 34 19.42 -24.32 7.31
N SER B 35 19.53 -23.04 6.95
CA SER B 35 20.58 -22.16 7.42
C SER B 35 20.85 -22.31 8.91
N THR B 36 19.92 -21.85 9.74
CA THR B 36 20.07 -21.93 11.19
C THR B 36 19.67 -23.31 11.69
N GLY B 37 19.16 -24.13 10.78
CA GLY B 37 18.71 -25.46 11.17
C GLY B 37 17.63 -25.33 12.22
N GLU B 38 16.94 -24.18 12.19
CA GLU B 38 15.86 -23.92 13.13
C GLU B 38 14.67 -24.80 12.81
N PHE B 39 14.17 -25.50 13.82
CA PHE B 39 13.05 -26.40 13.62
C PHE B 39 11.93 -26.16 14.63
N LYS B 40 10.82 -25.62 14.14
CA LYS B 40 9.65 -25.32 14.97
C LYS B 40 8.38 -25.37 14.14
N GLY B 41 7.31 -25.88 14.74
CA GLY B 41 6.03 -25.97 14.07
C GLY B 41 4.92 -25.81 15.09
N THR B 42 3.66 -25.88 14.65
CA THR B 42 2.55 -25.72 15.57
C THR B 42 1.19 -26.09 14.95
N VAL B 43 0.20 -26.30 15.81
CA VAL B 43 -1.16 -26.66 15.38
C VAL B 43 -2.20 -25.60 15.76
N LEU B 44 -2.82 -25.01 14.74
CA LEU B 44 -3.82 -23.98 14.95
C LEU B 44 -5.22 -24.46 14.58
N LYS B 45 -6.22 -23.91 15.26
CA LYS B 45 -7.61 -24.25 15.03
C LYS B 45 -8.21 -23.28 14.02
N SER B 46 -8.02 -21.99 14.28
CA SER B 46 -8.58 -20.97 13.40
C SER B 46 -7.77 -20.66 12.14
N LYS B 47 -8.38 -20.95 10.98
CA LYS B 47 -7.71 -20.67 9.70
C LYS B 47 -7.22 -19.23 9.71
N SER B 48 -7.89 -18.40 10.52
CA SER B 48 -7.50 -17.01 10.65
C SER B 48 -6.14 -16.93 11.31
N ALA B 49 -6.02 -17.53 12.49
CA ALA B 49 -4.76 -17.55 13.23
C ALA B 49 -3.63 -18.24 12.46
N LEU B 50 -3.97 -19.26 11.65
CA LEU B 50 -2.96 -19.96 10.86
C LEU B 50 -2.30 -18.96 9.92
N TYR B 51 -3.00 -18.61 8.85
CA TYR B 51 -2.50 -17.65 7.87
C TYR B 51 -1.77 -16.52 8.60
N ASP B 52 -2.14 -16.31 9.85
CA ASP B 52 -1.53 -15.28 10.67
C ASP B 52 -0.13 -15.67 11.15
N GLU B 53 -0.01 -16.84 11.79
CA GLU B 53 1.30 -17.30 12.24
C GLU B 53 2.16 -17.47 11.00
N LEU B 54 1.50 -17.82 9.91
CA LEU B 54 2.15 -17.99 8.63
C LEU B 54 2.62 -16.63 8.15
N PHE B 55 1.88 -15.58 8.51
CA PHE B 55 2.21 -14.22 8.09
C PHE B 55 3.35 -13.58 8.89
N ARG B 56 3.48 -13.92 10.17
CA ARG B 56 4.57 -13.34 10.97
C ARG B 56 5.90 -13.89 10.50
N HIS B 57 5.93 -15.20 10.28
CA HIS B 57 7.17 -15.88 9.88
C HIS B 57 7.48 -15.85 8.36
N ARG B 58 6.64 -15.17 7.60
CA ARG B 58 6.76 -15.01 6.16
C ARG B 58 7.67 -16.00 5.43
N PRO B 59 7.26 -17.27 5.34
CA PRO B 59 8.08 -18.27 4.65
C PRO B 59 8.12 -18.03 3.14
N ALA B 60 9.24 -18.37 2.50
CA ALA B 60 9.41 -18.17 1.06
C ALA B 60 8.90 -19.36 0.23
N GLU B 61 8.73 -20.51 0.88
CA GLU B 61 8.23 -21.70 0.21
C GLU B 61 7.34 -22.54 1.15
N VAL B 62 6.09 -22.73 0.71
CA VAL B 62 5.07 -23.48 1.46
C VAL B 62 4.70 -24.82 0.85
N LEU B 63 4.63 -25.85 1.69
CA LEU B 63 4.27 -27.19 1.25
C LEU B 63 2.87 -27.54 1.77
N LEU B 64 1.89 -27.60 0.87
CA LEU B 64 0.52 -27.92 1.26
C LEU B 64 0.27 -29.43 1.18
N ALA B 65 -0.56 -29.94 2.09
CA ALA B 65 -0.90 -31.36 2.12
C ALA B 65 -1.79 -31.74 0.94
N PRO B 66 -1.87 -33.04 0.60
CA PRO B 66 -2.71 -33.46 -0.52
C PRO B 66 -4.19 -33.08 -0.44
N GLU B 67 -4.72 -32.98 0.78
CA GLU B 67 -6.13 -32.61 0.98
C GLU B 67 -6.40 -31.19 0.49
N LEU B 68 -5.45 -30.30 0.76
CA LEU B 68 -5.53 -28.90 0.39
C LEU B 68 -5.23 -28.69 -1.10
N LEU B 69 -4.31 -29.48 -1.65
CA LEU B 69 -3.93 -29.40 -3.05
C LEU B 69 -5.10 -29.77 -3.96
N GLU B 70 -5.76 -30.86 -3.63
CA GLU B 70 -6.92 -31.33 -4.40
C GLU B 70 -8.02 -30.29 -4.26
N ASN B 71 -8.08 -29.71 -3.07
CA ASN B 71 -9.05 -28.69 -2.70
C ASN B 71 -8.88 -27.43 -3.56
N GLY B 72 -9.33 -27.50 -4.82
CA GLY B 72 -9.22 -26.36 -5.72
C GLY B 72 -9.82 -25.09 -5.12
N ALA B 73 -10.82 -25.25 -4.27
CA ALA B 73 -11.48 -24.13 -3.62
C ALA B 73 -10.51 -23.48 -2.64
N PHE B 74 -9.86 -24.31 -1.83
CA PHE B 74 -8.89 -23.85 -0.83
C PHE B 74 -7.60 -23.39 -1.50
N LEU B 75 -7.26 -24.06 -2.60
CA LEU B 75 -6.05 -23.77 -3.37
C LEU B 75 -5.99 -22.35 -3.92
N ASP B 76 -7.04 -21.94 -4.62
CA ASP B 76 -7.10 -20.61 -5.23
C ASP B 76 -7.16 -19.46 -4.23
N GLU B 77 -7.66 -19.74 -3.02
CA GLU B 77 -7.77 -18.72 -1.98
C GLU B 77 -6.40 -18.47 -1.35
N PHE B 78 -5.64 -19.53 -1.15
CA PHE B 78 -4.31 -19.43 -0.56
C PHE B 78 -3.42 -18.68 -1.56
N ARG B 79 -3.71 -18.86 -2.85
CA ARG B 79 -2.96 -18.22 -3.93
C ARG B 79 -3.34 -16.74 -4.10
N LYS B 80 -4.50 -16.36 -3.58
CA LYS B 80 -4.98 -14.98 -3.69
C LYS B 80 -4.62 -14.17 -2.45
N LEU B 86 4.76 -22.96 -3.72
CA LEU B 86 4.27 -24.23 -3.19
C LEU B 86 4.86 -25.41 -3.99
N SER B 87 5.60 -26.29 -3.32
CA SER B 87 6.22 -27.44 -3.97
C SER B 87 5.73 -28.77 -3.39
N GLU B 88 5.39 -29.72 -4.27
CA GLU B 88 4.89 -31.02 -3.84
C GLU B 88 5.89 -31.95 -3.14
N ALA B 89 5.43 -32.53 -2.02
CA ALA B 89 6.21 -33.44 -1.20
C ALA B 89 5.27 -34.22 -0.30
N PRO B 90 5.63 -35.47 0.06
CA PRO B 90 4.79 -36.31 0.92
C PRO B 90 4.82 -35.98 2.41
N PHE B 91 3.63 -35.92 3.01
CA PHE B 91 3.47 -35.64 4.43
C PHE B 91 3.31 -36.93 5.21
N GLU B 92 4.41 -37.66 5.39
CA GLU B 92 4.37 -38.91 6.15
C GLU B 92 4.63 -38.64 7.63
N PRO B 93 3.58 -38.71 8.45
CA PRO B 93 3.72 -38.47 9.88
C PRO B 93 4.99 -39.04 10.52
N GLU B 94 5.88 -38.13 10.89
CA GLU B 94 7.15 -38.46 11.51
C GLU B 94 7.13 -37.94 12.95
N GLY B 95 7.91 -38.56 13.83
CA GLY B 95 7.97 -38.12 15.21
C GLY B 95 6.67 -38.36 15.95
N GLU B 96 6.51 -37.71 17.10
CA GLU B 96 5.30 -37.86 17.90
C GLU B 96 4.59 -36.53 18.09
N GLY B 97 3.26 -36.57 18.19
CA GLY B 97 2.48 -35.37 18.38
C GLY B 97 1.20 -35.28 17.57
N PRO B 98 0.45 -34.19 17.68
CA PRO B 98 -0.81 -34.00 16.94
C PRO B 98 -0.64 -34.33 15.46
N LEU B 99 -1.52 -35.19 14.96
CA LEU B 99 -1.48 -35.64 13.58
C LEU B 99 -1.07 -34.56 12.56
N ALA B 100 -1.91 -33.53 12.39
CA ALA B 100 -1.62 -32.47 11.43
C ALA B 100 -0.24 -31.81 11.58
N LEU B 101 0.48 -32.16 12.65
CA LEU B 101 1.80 -31.61 12.92
C LEU B 101 2.93 -32.47 12.37
N ARG B 102 2.92 -33.76 12.70
CA ARG B 102 3.96 -34.66 12.23
C ARG B 102 3.92 -34.81 10.71
N ARG B 103 2.74 -34.61 10.15
CA ARG B 103 2.54 -34.71 8.71
C ARG B 103 3.26 -33.58 8.00
N ALA B 104 3.04 -32.36 8.47
CA ALA B 104 3.68 -31.19 7.91
C ALA B 104 5.14 -31.16 8.34
N ARG B 105 5.39 -31.55 9.59
CA ARG B 105 6.74 -31.56 10.13
C ARG B 105 7.67 -32.43 9.28
N GLY B 106 7.32 -33.71 9.14
CA GLY B 106 8.14 -34.60 8.34
C GLY B 106 8.17 -34.13 6.90
N ALA B 107 7.07 -33.53 6.45
CA ALA B 107 6.97 -33.02 5.09
C ALA B 107 8.16 -32.12 4.77
N LEU B 108 8.66 -31.44 5.79
CA LEU B 108 9.82 -30.55 5.63
C LEU B 108 11.05 -31.43 5.52
N LEU B 109 11.25 -32.27 6.53
CA LEU B 109 12.37 -33.20 6.61
C LEU B 109 12.65 -33.85 5.26
N ALA B 110 11.72 -34.67 4.80
CA ALA B 110 11.85 -35.36 3.53
C ALA B 110 12.00 -34.42 2.33
N TYR B 111 11.72 -33.14 2.54
CA TYR B 111 11.83 -32.16 1.47
C TYR B 111 13.17 -31.42 1.50
N ALA B 112 13.70 -31.23 2.70
CA ALA B 112 14.98 -30.56 2.85
C ALA B 112 16.06 -31.60 2.52
N GLN B 113 15.88 -32.80 3.05
CA GLN B 113 16.80 -33.91 2.81
C GLN B 113 16.86 -34.25 1.31
N ARG B 114 15.79 -33.93 0.60
CA ARG B 114 15.70 -34.20 -0.82
C ARG B 114 16.27 -33.00 -1.58
N THR B 115 16.45 -31.90 -0.87
CA THR B 115 17.00 -30.68 -1.46
C THR B 115 18.27 -30.31 -0.69
N GLN B 116 18.91 -31.34 -0.14
CA GLN B 116 20.14 -31.17 0.63
C GLN B 116 21.17 -32.19 0.17
N GLY B 117 20.75 -33.07 -0.74
CA GLY B 117 21.65 -34.09 -1.25
C GLY B 117 21.98 -35.13 -0.20
N GLY B 118 21.59 -34.85 1.04
CA GLY B 118 21.87 -35.78 2.13
C GLY B 118 21.03 -35.51 3.37
N ALA B 119 21.60 -35.79 4.54
CA ALA B 119 20.91 -35.57 5.81
C ALA B 119 20.90 -34.10 6.19
N LEU B 120 20.13 -33.75 7.22
CA LEU B 120 20.04 -32.36 7.67
C LEU B 120 20.54 -32.23 9.11
N SER B 121 20.87 -31.00 9.50
CA SER B 121 21.33 -30.72 10.86
C SER B 121 20.20 -29.93 11.51
N LEU B 122 19.44 -30.58 12.39
CA LEU B 122 18.30 -29.93 13.02
C LEU B 122 18.44 -29.65 14.51
N GLN B 123 17.66 -28.68 14.95
CA GLN B 123 17.62 -28.26 16.34
C GLN B 123 16.42 -28.97 16.96
N PRO B 124 16.48 -29.28 18.27
CA PRO B 124 15.36 -29.94 18.95
C PRO B 124 14.03 -29.28 18.60
N PHE B 125 13.17 -30.00 17.88
CA PHE B 125 11.88 -29.45 17.48
C PHE B 125 11.16 -28.81 18.66
N ARG B 126 10.88 -27.52 18.53
CA ARG B 126 10.20 -26.78 19.57
C ARG B 126 8.73 -26.62 19.21
N PHE B 127 7.90 -26.45 20.22
CA PHE B 127 6.46 -26.27 20.02
C PHE B 127 6.09 -24.94 20.68
N TYR B 128 5.63 -23.97 19.88
CA TYR B 128 5.26 -22.66 20.40
C TYR B 128 3.75 -22.44 20.35
N ASP B 129 3.24 -21.63 21.27
CA ASP B 129 1.81 -21.35 21.34
C ASP B 129 1.51 -19.86 21.16
N PRO B 130 0.80 -19.50 20.08
CA PRO B 130 0.44 -18.11 19.77
C PRO B 130 -0.54 -17.52 20.78
N GLY B 131 -0.42 -17.98 22.02
CA GLY B 131 -1.30 -17.52 23.08
C GLY B 131 -0.56 -17.18 24.35
N ALA B 132 0.68 -17.62 24.46
CA ALA B 132 1.47 -17.31 25.65
C ALA B 132 2.19 -16.02 25.31
N PHE B 133 1.74 -15.39 24.24
CA PHE B 133 2.38 -14.13 23.87
C PHE B 133 1.29 -13.15 23.55
N MSE B 134 1.61 -11.87 23.71
CA MSE B 134 0.65 -10.82 23.38
C MSE B 134 0.19 -11.08 21.95
O MSE B 134 1.00 -11.39 21.08
CB MSE B 134 1.31 -9.45 23.42
CG MSE B 134 0.31 -8.41 23.02
SE MSE B 134 1.08 -6.88 22.21
CE MSE B 134 1.35 -5.75 23.77
N ARG B 135 -1.11 -10.98 21.70
CA ARG B 135 -1.58 -11.22 20.35
C ARG B 135 -1.04 -10.13 19.44
N LEU B 136 -0.93 -10.46 18.15
CA LEU B 136 -0.46 -9.52 17.15
C LEU B 136 -0.87 -9.98 15.76
N PRO B 137 -2.03 -9.50 15.29
CA PRO B 137 -2.53 -9.88 13.97
C PRO B 137 -1.75 -9.32 12.79
N GLU B 138 -2.06 -9.83 11.60
CA GLU B 138 -1.41 -9.39 10.38
C GLU B 138 -1.59 -7.89 10.31
N ALA B 139 -2.84 -7.49 10.08
CA ALA B 139 -3.20 -6.08 9.94
C ALA B 139 -2.51 -5.15 10.94
N THR B 140 -2.49 -5.53 12.22
CA THR B 140 -1.84 -4.66 13.19
C THR B 140 -0.44 -4.44 12.70
N LEU B 141 0.32 -5.53 12.59
CA LEU B 141 1.70 -5.45 12.10
C LEU B 141 1.81 -4.49 10.89
N ARG B 142 0.86 -4.60 9.96
CA ARG B 142 0.84 -3.74 8.79
C ARG B 142 0.55 -2.31 9.21
N ALA B 143 -0.48 -2.13 10.03
CA ALA B 143 -0.91 -0.82 10.51
C ALA B 143 0.17 -0.01 11.24
N LEU B 144 0.84 -0.64 12.20
CA LEU B 144 1.89 0.02 12.96
C LEU B 144 3.20 0.20 12.21
N GLU B 145 3.26 -0.33 10.98
CA GLU B 145 4.47 -0.23 10.17
C GLU B 145 5.62 -0.80 10.99
N VAL B 146 5.41 -2.01 11.48
CA VAL B 146 6.42 -2.68 12.31
C VAL B 146 7.65 -3.10 11.53
N PHE B 147 7.43 -4.00 10.57
CA PHE B 147 8.46 -4.54 9.70
C PHE B 147 8.47 -3.84 8.35
N GLU B 148 7.31 -3.77 7.70
CA GLU B 148 7.22 -3.11 6.42
C GLU B 148 6.58 -1.74 6.62
N PRO B 149 6.89 -0.77 5.74
CA PRO B 149 6.34 0.59 5.80
C PRO B 149 5.12 0.71 4.89
N LEU B 150 4.07 1.36 5.38
CA LEU B 150 2.83 1.53 4.60
C LEU B 150 3.20 2.25 3.30
N ARG B 151 3.78 3.42 3.48
CA ARG B 151 4.24 4.21 2.37
C ARG B 151 5.43 4.98 2.91
N GLY B 152 6.56 4.85 2.22
CA GLY B 152 7.76 5.54 2.67
C GLY B 152 8.94 4.60 2.72
N GLN B 153 9.81 4.82 3.69
CA GLN B 153 10.99 3.99 3.83
C GLN B 153 11.16 3.31 5.19
N ASP B 154 11.05 4.06 6.28
CA ASP B 154 11.25 3.47 7.62
C ASP B 154 10.14 2.60 8.22
N THR B 155 10.53 1.87 9.28
CA THR B 155 9.65 0.98 10.04
C THR B 155 10.24 0.86 11.45
N LEU B 156 9.45 0.36 12.40
CA LEU B 156 9.93 0.22 13.76
C LEU B 156 11.19 -0.61 13.76
N PHE B 157 11.27 -1.54 12.82
CA PHE B 157 12.46 -2.38 12.79
C PHE B 157 13.72 -1.60 12.42
N SER B 158 13.72 -0.91 11.27
CA SER B 158 14.89 -0.13 10.86
C SER B 158 15.35 0.75 12.02
N VAL B 159 14.40 1.46 12.60
CA VAL B 159 14.68 2.37 13.71
C VAL B 159 15.25 1.68 14.95
N LEU B 160 14.90 0.42 15.14
CA LEU B 160 15.41 -0.32 16.27
C LEU B 160 16.62 -1.12 15.81
N ASP B 161 16.70 -1.36 14.51
CA ASP B 161 17.78 -2.12 13.91
C ASP B 161 19.14 -1.51 14.24
N GLU B 162 19.72 -1.97 15.34
CA GLU B 162 21.01 -1.46 15.76
C GLU B 162 21.85 -2.67 16.19
N THR B 163 21.37 -3.85 15.77
CA THR B 163 22.03 -5.11 16.07
C THR B 163 23.29 -5.23 15.19
N ARG B 164 24.35 -5.80 15.76
CA ARG B 164 25.61 -5.95 15.06
C ARG B 164 25.91 -7.32 14.49
N THR B 165 25.07 -8.30 14.80
CA THR B 165 25.29 -9.65 14.30
C THR B 165 24.03 -10.17 13.60
N ALA B 166 24.20 -11.03 12.59
CA ALA B 166 23.04 -11.59 11.90
C ALA B 166 22.16 -12.28 12.95
N PRO B 167 22.79 -13.02 13.89
CA PRO B 167 22.08 -13.75 14.95
C PRO B 167 21.21 -12.82 15.81
N GLY B 168 21.83 -11.75 16.33
CA GLY B 168 21.11 -10.79 17.14
C GLY B 168 19.89 -10.31 16.38
N ARG B 169 20.09 -9.74 15.20
CA ARG B 169 18.98 -9.28 14.40
C ARG B 169 17.92 -10.38 14.27
N ARG B 170 18.34 -11.63 14.14
CA ARG B 170 17.35 -12.70 14.04
C ARG B 170 16.63 -12.87 15.37
N LEU B 171 17.36 -12.57 16.45
CA LEU B 171 16.80 -12.68 17.79
C LEU B 171 15.81 -11.55 18.07
N LEU B 172 16.24 -10.33 17.78
CA LEU B 172 15.41 -9.17 17.98
C LEU B 172 14.10 -9.34 17.21
N GLN B 173 14.23 -9.70 15.94
CA GLN B 173 13.08 -9.87 15.08
C GLN B 173 12.07 -10.81 15.71
N SER B 174 12.57 -11.84 16.41
CA SER B 174 11.72 -12.81 17.07
C SER B 174 10.88 -12.11 18.12
N TRP B 175 11.59 -11.52 19.08
CA TRP B 175 10.95 -10.78 20.15
C TRP B 175 9.82 -9.91 19.61
N LEU B 176 10.06 -9.19 18.51
CA LEU B 176 8.98 -8.36 17.94
C LEU B 176 7.81 -9.25 17.46
N ARG B 177 8.11 -10.27 16.66
CA ARG B 177 7.05 -11.16 16.19
C ARG B 177 6.41 -11.93 17.35
N HIS B 178 7.06 -11.89 18.52
CA HIS B 178 6.52 -12.56 19.70
C HIS B 178 6.68 -11.72 20.99
N PRO B 179 5.76 -10.76 21.22
CA PRO B 179 5.80 -9.89 22.40
C PRO B 179 5.55 -10.74 23.65
N LEU B 180 5.82 -10.19 24.83
CA LEU B 180 5.63 -10.93 26.09
C LEU B 180 4.29 -10.72 26.79
N LEU B 181 4.09 -11.42 27.91
CA LEU B 181 2.86 -11.33 28.72
C LEU B 181 3.20 -11.19 30.20
N ASP B 182 3.94 -12.15 30.74
CA ASP B 182 4.31 -12.06 32.14
C ASP B 182 5.29 -10.90 32.38
N ARG B 183 5.12 -10.20 33.50
CA ARG B 183 5.99 -9.08 33.87
C ARG B 183 7.40 -9.60 34.21
N GLY B 184 7.45 -10.76 34.86
CA GLY B 184 8.71 -11.35 35.26
C GLY B 184 9.78 -11.38 34.19
N PRO B 185 9.45 -11.83 32.96
CA PRO B 185 10.40 -11.89 31.85
C PRO B 185 10.79 -10.51 31.39
N LEU B 186 9.78 -9.70 31.07
CA LEU B 186 9.99 -8.34 30.60
C LEU B 186 10.93 -7.56 31.51
N GLU B 187 10.62 -7.54 32.80
CA GLU B 187 11.47 -6.84 33.76
C GLU B 187 12.90 -7.33 33.54
N ALA B 188 13.07 -8.64 33.58
CA ALA B 188 14.37 -9.27 33.40
C ALA B 188 15.09 -8.67 32.20
N ARG B 189 14.34 -8.43 31.11
CA ARG B 189 14.92 -7.84 29.90
C ARG B 189 15.24 -6.35 30.11
N LEU B 190 14.28 -5.62 30.68
CA LEU B 190 14.47 -4.19 30.92
C LEU B 190 15.55 -3.92 31.96
N ASP B 191 15.76 -4.86 32.88
CA ASP B 191 16.80 -4.72 33.89
C ASP B 191 18.13 -4.78 33.12
N ARG B 192 18.24 -5.80 32.27
CA ARG B 192 19.43 -6.01 31.44
C ARG B 192 19.66 -4.80 30.55
N VAL B 193 18.67 -4.44 29.74
CA VAL B 193 18.81 -3.28 28.84
C VAL B 193 19.27 -2.05 29.58
N GLU B 194 18.77 -1.88 30.80
CA GLU B 194 19.12 -0.73 31.62
C GLU B 194 20.60 -0.83 31.99
N GLY B 195 21.14 -2.05 31.86
CA GLY B 195 22.53 -2.28 32.19
C GLY B 195 23.51 -1.54 31.30
N PHE B 196 23.53 -1.90 30.02
CA PHE B 196 24.44 -1.28 29.07
C PHE B 196 24.17 0.20 28.84
N VAL B 197 23.16 0.73 29.50
CA VAL B 197 22.88 2.14 29.32
C VAL B 197 23.50 2.94 30.47
N ARG B 198 23.49 2.33 31.66
CA ARG B 198 24.08 2.96 32.84
C ARG B 198 25.57 2.61 32.87
N GLU B 199 26.00 1.87 31.86
CA GLU B 199 27.40 1.49 31.74
C GLU B 199 27.89 1.81 30.33
N GLY B 200 27.68 3.06 29.93
CA GLY B 200 28.07 3.52 28.61
C GLY B 200 29.31 2.84 28.04
N ALA B 201 30.46 3.03 28.70
CA ALA B 201 31.71 2.43 28.23
C ALA B 201 31.54 0.93 28.00
N LEU B 202 30.92 0.25 28.96
CA LEU B 202 30.68 -1.18 28.87
C LEU B 202 29.96 -1.54 27.59
N ARG B 203 28.94 -0.76 27.22
CA ARG B 203 28.19 -1.01 25.98
C ARG B 203 29.10 -0.68 24.80
N GLU B 204 29.91 0.36 24.97
CA GLU B 204 30.84 0.82 23.95
C GLU B 204 31.74 -0.35 23.54
N GLY B 205 32.24 -1.07 24.55
CA GLY B 205 33.12 -2.20 24.29
C GLY B 205 32.51 -3.30 23.44
N VAL B 206 31.59 -4.05 24.02
CA VAL B 206 30.91 -5.16 23.35
C VAL B 206 30.41 -4.85 21.94
N ARG B 207 29.80 -3.68 21.78
CA ARG B 207 29.29 -3.26 20.47
C ARG B 207 30.41 -3.18 19.45
N ARG B 208 31.50 -2.51 19.83
CA ARG B 208 32.64 -2.36 18.96
C ARG B 208 33.30 -3.71 18.67
N LEU B 209 33.30 -4.60 19.67
CA LEU B 209 33.88 -5.93 19.50
C LEU B 209 33.01 -6.82 18.61
N LEU B 210 31.72 -6.86 18.92
CA LEU B 210 30.79 -7.68 18.15
C LEU B 210 30.78 -7.32 16.65
N TYR B 211 31.10 -6.07 16.33
CA TYR B 211 31.11 -5.65 14.93
C TYR B 211 32.00 -6.58 14.11
N ARG B 212 31.43 -7.12 13.03
CA ARG B 212 32.10 -8.05 12.13
C ARG B 212 32.10 -9.51 12.64
N LEU B 213 31.69 -9.70 13.89
CA LEU B 213 31.65 -11.03 14.49
C LEU B 213 30.89 -12.03 13.60
N ALA B 214 31.55 -13.15 13.31
CA ALA B 214 30.95 -14.17 12.48
C ALA B 214 29.58 -14.63 13.01
N ASP B 215 28.86 -15.35 12.17
CA ASP B 215 27.53 -15.87 12.46
C ASP B 215 27.64 -17.23 13.16
N LEU B 216 28.31 -17.26 14.32
CA LEU B 216 28.51 -18.50 15.06
C LEU B 216 27.33 -19.48 15.02
N GLU B 217 26.12 -18.98 14.85
CA GLU B 217 24.97 -19.88 14.80
C GLU B 217 24.87 -20.58 13.46
N ARG B 218 24.86 -19.80 12.39
CA ARG B 218 24.77 -20.39 11.06
C ARG B 218 26.06 -21.14 10.75
N LEU B 219 27.16 -20.70 11.32
CA LEU B 219 28.45 -21.34 11.12
C LEU B 219 28.38 -22.76 11.70
N ALA B 220 28.22 -22.84 13.02
CA ALA B 220 28.13 -24.12 13.70
C ALA B 220 27.15 -25.06 12.99
N THR B 221 26.01 -24.53 12.57
CA THR B 221 24.99 -25.31 11.87
C THR B 221 25.67 -26.07 10.73
N ARG B 222 26.55 -25.37 10.02
CA ARG B 222 27.27 -25.91 8.89
C ARG B 222 28.33 -26.94 9.30
N LEU B 223 28.82 -26.83 10.52
CA LEU B 223 29.82 -27.78 11.01
C LEU B 223 29.17 -29.16 11.15
N GLU B 224 27.93 -29.18 11.63
CA GLU B 224 27.20 -30.44 11.80
C GLU B 224 26.60 -30.87 10.48
N LEU B 225 26.87 -30.11 9.43
CA LEU B 225 26.35 -30.41 8.10
C LEU B 225 27.45 -30.82 7.13
N GLY B 226 28.69 -30.68 7.57
CA GLY B 226 29.83 -31.01 6.71
C GLY B 226 29.81 -30.18 5.43
N ARG B 227 30.04 -28.87 5.59
CA ARG B 227 30.08 -27.93 4.47
C ARG B 227 30.74 -26.65 4.93
N ALA B 228 31.25 -26.67 6.15
CA ALA B 228 31.92 -25.51 6.74
C ALA B 228 33.29 -25.30 6.12
N SER B 229 33.32 -24.53 5.02
CA SER B 229 34.54 -24.25 4.27
C SER B 229 35.69 -23.70 5.14
N PRO B 230 36.90 -23.61 4.54
CA PRO B 230 38.09 -23.11 5.25
C PRO B 230 37.93 -21.66 5.73
N LYS B 231 37.52 -20.79 4.82
CA LYS B 231 37.32 -19.38 5.15
C LYS B 231 36.52 -19.23 6.44
N ASP B 232 35.44 -20.00 6.55
CA ASP B 232 34.58 -19.94 7.72
C ASP B 232 35.37 -20.12 9.01
N LEU B 233 36.35 -21.01 8.99
CA LEU B 233 37.17 -21.23 10.18
C LEU B 233 38.04 -19.99 10.37
N GLY B 234 38.29 -19.31 9.27
CA GLY B 234 39.09 -18.09 9.33
C GLY B 234 38.34 -17.13 10.21
N ALA B 235 37.11 -16.81 9.78
CA ALA B 235 36.22 -15.91 10.49
C ALA B 235 35.99 -16.44 11.91
N LEU B 236 35.69 -17.73 11.99
CA LEU B 236 35.46 -18.40 13.28
C LEU B 236 36.63 -18.25 14.24
N ARG B 237 37.84 -18.46 13.75
CA ARG B 237 39.01 -18.31 14.60
C ARG B 237 38.99 -16.87 15.07
N ARG B 238 38.89 -15.96 14.10
CA ARG B 238 38.83 -14.52 14.34
C ARG B 238 37.80 -14.21 15.43
N SER B 239 36.69 -14.93 15.41
CA SER B 239 35.62 -14.77 16.39
C SER B 239 36.06 -15.23 17.76
N LEU B 240 36.27 -16.54 17.89
CA LEU B 240 36.69 -17.12 19.15
C LEU B 240 37.75 -16.26 19.85
N GLN B 241 38.44 -15.43 19.07
CA GLN B 241 39.48 -14.55 19.60
C GLN B 241 38.91 -13.31 20.29
N ILE B 242 37.74 -12.87 19.84
CA ILE B 242 37.06 -11.71 20.44
C ILE B 242 36.37 -12.21 21.70
N LEU B 243 36.01 -13.49 21.66
CA LEU B 243 35.33 -14.18 22.75
C LEU B 243 35.92 -13.87 24.13
N PRO B 244 37.26 -13.92 24.24
CA PRO B 244 37.92 -13.63 25.53
C PRO B 244 37.75 -12.18 25.96
N GLU B 245 37.77 -11.26 24.98
CA GLU B 245 37.63 -9.84 25.24
C GLU B 245 36.24 -9.43 25.77
N LEU B 246 35.18 -9.87 25.11
CA LEU B 246 33.81 -9.58 25.53
C LEU B 246 33.63 -10.08 26.96
N ARG B 247 34.21 -11.25 27.22
CA ARG B 247 34.12 -11.90 28.52
C ARG B 247 34.86 -11.12 29.61
N ALA B 248 35.83 -10.29 29.21
CA ALA B 248 36.63 -9.51 30.14
C ALA B 248 36.03 -8.15 30.53
N LEU B 249 34.87 -7.81 29.94
CA LEU B 249 34.20 -6.54 30.23
C LEU B 249 32.90 -6.75 31.00
N LEU B 250 32.41 -7.97 30.97
CA LEU B 250 31.18 -8.31 31.69
C LEU B 250 31.57 -9.06 32.96
N GLY B 251 32.28 -10.17 32.76
CA GLY B 251 32.71 -10.98 33.88
C GLY B 251 32.33 -12.43 33.67
N GLU B 252 32.86 -13.29 34.54
CA GLU B 252 32.58 -14.71 34.46
C GLU B 252 31.11 -14.99 34.76
N GLU B 253 30.28 -13.97 34.54
CA GLU B 253 28.85 -14.07 34.77
C GLU B 253 28.04 -14.33 33.50
N VAL B 254 28.54 -13.90 32.35
CA VAL B 254 27.80 -14.11 31.10
C VAL B 254 27.66 -15.60 30.81
N GLY B 255 28.53 -16.41 31.40
CA GLY B 255 28.50 -17.84 31.20
C GLY B 255 29.31 -18.29 29.99
N LEU B 256 29.60 -17.36 29.09
CA LEU B 256 30.36 -17.65 27.88
C LEU B 256 31.39 -18.77 28.06
N PRO B 257 31.26 -19.84 27.26
CA PRO B 257 32.16 -21.00 27.29
C PRO B 257 33.63 -20.63 27.10
N ASP B 258 34.51 -21.62 27.27
CA ASP B 258 35.94 -21.41 27.10
C ASP B 258 36.41 -22.20 25.89
N LEU B 259 36.32 -21.57 24.72
CA LEU B 259 36.72 -22.21 23.48
C LEU B 259 38.14 -21.83 23.04
N SER B 260 39.03 -21.64 24.01
CA SER B 260 40.41 -21.31 23.70
C SER B 260 41.11 -22.50 23.03
N PRO B 261 40.84 -23.73 23.50
CA PRO B 261 41.48 -24.90 22.88
C PRO B 261 41.30 -24.87 21.36
N LEU B 262 40.05 -24.78 20.92
CA LEU B 262 39.71 -24.74 19.50
C LEU B 262 40.33 -23.50 18.84
N LYS B 263 40.37 -22.40 19.59
CA LYS B 263 40.93 -21.14 19.12
C LYS B 263 42.43 -21.25 18.80
N GLU B 264 43.19 -21.67 19.81
CA GLU B 264 44.63 -21.84 19.69
C GLU B 264 44.98 -22.76 18.52
N GLU B 265 44.25 -23.86 18.39
CA GLU B 265 44.46 -24.82 17.31
C GLU B 265 44.51 -24.09 15.97
N LEU B 266 43.36 -23.56 15.56
CA LEU B 266 43.24 -22.86 14.28
C LEU B 266 44.36 -21.87 14.01
N GLU B 267 44.66 -21.01 15.00
CA GLU B 267 45.72 -20.01 14.87
C GLU B 267 46.95 -20.59 14.18
N ALA B 268 47.38 -21.75 14.66
CA ALA B 268 48.53 -22.43 14.10
C ALA B 268 48.18 -23.06 12.76
N ALA B 269 47.32 -24.07 12.81
CA ALA B 269 46.90 -24.80 11.62
C ALA B 269 46.34 -23.98 10.45
N LEU B 270 46.29 -22.65 10.59
CA LEU B 270 45.72 -21.84 9.51
C LEU B 270 46.48 -20.63 8.99
N VAL B 271 46.23 -20.33 7.72
CA VAL B 271 46.83 -19.20 7.02
C VAL B 271 46.00 -17.96 7.33
N GLU B 272 46.68 -16.88 7.70
CA GLU B 272 46.04 -15.61 8.02
C GLU B 272 44.86 -15.28 7.11
N ASP B 273 44.84 -15.86 5.90
CA ASP B 273 43.75 -15.61 4.96
C ASP B 273 43.35 -16.86 4.19
N PRO B 274 42.61 -17.78 4.83
CA PRO B 274 42.16 -19.04 4.21
C PRO B 274 41.44 -18.87 2.86
N PRO B 275 42.00 -19.46 1.79
CA PRO B 275 41.43 -19.40 0.43
C PRO B 275 40.23 -20.32 0.21
N ARG B 382 47.85 -33.44 0.80
CA ARG B 382 48.10 -33.55 2.23
C ARG B 382 47.48 -32.40 3.00
N GLU B 383 47.49 -31.22 2.39
CA GLU B 383 46.93 -30.01 3.00
C GLU B 383 45.45 -30.21 3.32
N GLU B 384 44.76 -30.98 2.49
CA GLU B 384 43.34 -31.27 2.66
C GLU B 384 43.16 -32.30 3.77
N GLU B 385 44.11 -33.21 3.91
CA GLU B 385 44.04 -34.22 4.96
C GLU B 385 44.21 -33.53 6.32
N VAL B 386 45.03 -32.47 6.32
CA VAL B 386 45.32 -31.69 7.53
C VAL B 386 44.22 -30.68 7.84
N PHE B 387 43.54 -30.21 6.79
CA PHE B 387 42.46 -29.25 6.94
C PHE B 387 41.26 -29.81 7.72
N LEU B 388 40.76 -30.96 7.29
CA LEU B 388 39.63 -31.61 7.93
C LEU B 388 39.95 -32.14 9.34
N GLU B 389 41.23 -32.35 9.61
CA GLU B 389 41.63 -32.85 10.93
C GLU B 389 41.37 -31.78 11.98
N VAL B 390 41.61 -30.53 11.59
CA VAL B 390 41.40 -29.39 12.47
C VAL B 390 39.91 -29.14 12.62
N ARG B 391 39.20 -29.17 11.50
CA ARG B 391 37.76 -28.97 11.49
C ARG B 391 37.12 -29.87 12.52
N GLU B 392 37.40 -31.17 12.42
CA GLU B 392 36.84 -32.14 13.35
C GLU B 392 37.10 -31.69 14.79
N ARG B 393 38.36 -31.34 15.08
CA ARG B 393 38.72 -30.88 16.42
C ARG B 393 37.82 -29.70 16.80
N ALA B 394 37.47 -28.90 15.81
CA ALA B 394 36.61 -27.73 16.03
C ALA B 394 35.17 -28.18 16.21
N LYS B 395 34.62 -28.83 15.18
CA LYS B 395 33.25 -29.34 15.21
C LYS B 395 32.94 -30.23 16.42
N ARG B 396 33.96 -30.53 17.23
CA ARG B 396 33.77 -31.34 18.42
C ARG B 396 33.15 -30.41 19.46
N GLN B 397 33.05 -29.13 19.07
CA GLN B 397 32.48 -28.06 19.89
C GLN B 397 31.32 -27.43 19.11
N ALA B 398 30.50 -28.28 18.49
CA ALA B 398 29.36 -27.82 17.69
C ALA B 398 28.33 -27.03 18.48
N GLU B 399 27.96 -27.53 19.65
CA GLU B 399 26.98 -26.87 20.48
C GLU B 399 27.57 -25.71 21.26
N ALA B 400 28.74 -25.90 21.85
CA ALA B 400 29.39 -24.83 22.60
C ALA B 400 29.44 -23.61 21.69
N LEU B 401 29.36 -23.84 20.38
CA LEU B 401 29.38 -22.75 19.42
C LEU B 401 27.98 -22.13 19.37
N ARG B 402 26.98 -22.95 19.04
CA ARG B 402 25.59 -22.48 19.00
C ARG B 402 25.30 -21.75 20.31
N GLU B 403 25.88 -22.28 21.38
CA GLU B 403 25.76 -21.75 22.74
C GLU B 403 26.17 -20.27 22.75
N ALA B 404 27.36 -20.01 22.23
CA ALA B 404 27.88 -18.66 22.16
C ALA B 404 26.87 -17.78 21.41
N ALA B 405 26.66 -18.09 20.13
CA ALA B 405 25.72 -17.35 19.27
C ALA B 405 24.49 -16.90 20.04
N ARG B 406 23.79 -17.88 20.60
CA ARG B 406 22.58 -17.66 21.40
C ARG B 406 22.84 -16.64 22.50
N ILE B 407 23.68 -17.01 23.48
CA ILE B 407 24.03 -16.14 24.59
C ILE B 407 24.59 -14.81 24.12
N LEU B 408 25.15 -14.80 22.91
CA LEU B 408 25.73 -13.57 22.36
C LEU B 408 24.66 -12.62 21.85
N ALA B 409 23.83 -13.10 20.91
CA ALA B 409 22.76 -12.29 20.35
C ALA B 409 22.02 -11.51 21.43
N GLU B 410 21.74 -12.15 22.55
CA GLU B 410 21.06 -11.46 23.65
C GLU B 410 21.76 -10.12 23.89
N LEU B 411 23.00 -10.15 24.39
CA LEU B 411 23.74 -8.90 24.63
C LEU B 411 23.65 -7.96 23.43
N ASP B 412 23.89 -8.53 22.26
CA ASP B 412 23.87 -7.75 21.03
C ASP B 412 22.63 -6.85 21.05
N VAL B 413 21.46 -7.48 21.23
CA VAL B 413 20.16 -6.81 21.28
C VAL B 413 19.97 -5.94 22.53
N TYR B 414 20.16 -6.55 23.70
CA TYR B 414 20.03 -5.86 24.99
C TYR B 414 20.78 -4.54 24.97
N ALA B 415 21.94 -4.58 24.32
CA ALA B 415 22.80 -3.41 24.18
C ALA B 415 22.38 -2.64 22.94
N ALA B 416 22.04 -3.38 21.88
CA ALA B 416 21.58 -2.74 20.64
C ALA B 416 20.49 -1.73 20.97
N LEU B 417 19.30 -2.24 21.31
CA LEU B 417 18.15 -1.42 21.70
C LEU B 417 18.67 -0.29 22.59
N ALA B 418 19.12 -0.69 23.78
CA ALA B 418 19.67 0.23 24.77
C ALA B 418 20.40 1.37 24.06
N GLU B 419 21.27 1.00 23.12
CA GLU B 419 21.99 2.00 22.36
C GLU B 419 20.90 2.92 21.80
N VAL B 420 20.06 2.35 20.93
CA VAL B 420 18.96 3.08 20.35
C VAL B 420 18.37 3.99 21.41
N ALA B 421 17.72 3.38 22.40
CA ALA B 421 17.08 4.09 23.52
C ALA B 421 17.84 5.33 23.90
N VAL B 422 19.07 5.13 24.37
CA VAL B 422 19.91 6.27 24.76
C VAL B 422 20.11 7.24 23.60
N ARG B 423 20.40 6.71 22.42
CA ARG B 423 20.62 7.54 21.25
C ARG B 423 19.35 8.35 20.91
N TYR B 424 18.19 7.79 21.21
CA TYR B 424 16.95 8.51 20.91
C TYR B 424 16.10 8.97 22.10
N GLY B 425 16.60 8.78 23.31
CA GLY B 425 15.87 9.20 24.51
C GLY B 425 14.66 8.35 24.85
N TYR B 426 14.88 7.06 25.11
CA TYR B 426 13.81 6.13 25.45
C TYR B 426 13.82 5.88 26.97
N VAL B 427 12.64 6.07 27.58
CA VAL B 427 12.41 5.94 29.04
C VAL B 427 11.98 4.56 29.49
N ARG B 428 12.67 3.98 30.48
CA ARG B 428 12.28 2.62 30.92
C ARG B 428 10.85 2.64 31.45
N PRO B 429 9.93 1.93 30.77
CA PRO B 429 8.51 1.84 31.13
C PRO B 429 8.18 1.15 32.44
N ARG B 430 7.12 1.65 33.10
CA ARG B 430 6.65 1.11 34.37
C ARG B 430 5.25 0.53 34.24
N PHE B 431 5.11 -0.74 34.62
CA PHE B 431 3.84 -1.44 34.51
C PHE B 431 2.96 -1.29 35.73
N GLY B 432 1.65 -1.42 35.52
CA GLY B 432 0.67 -1.31 36.59
C GLY B 432 -0.69 -1.66 36.02
N ASP B 433 -1.72 -0.88 36.35
CA ASP B 433 -3.05 -1.13 35.80
C ASP B 433 -3.62 0.11 35.12
N ARG B 434 -2.82 1.17 35.00
CA ARG B 434 -3.23 2.42 34.36
C ARG B 434 -2.26 2.79 33.21
N LEU B 435 -2.78 3.41 32.16
CA LEU B 435 -1.97 3.81 31.01
C LEU B 435 -1.71 5.32 31.03
N GLN B 436 -0.48 5.71 31.34
CA GLN B 436 -0.09 7.13 31.37
C GLN B 436 1.17 7.39 30.54
N ILE B 437 1.04 8.27 29.55
CA ILE B 437 2.17 8.58 28.69
C ILE B 437 2.56 10.04 28.79
N ARG B 438 3.57 10.30 29.61
CA ARG B 438 4.10 11.65 29.82
C ARG B 438 4.94 12.06 28.60
N ALA B 439 4.34 12.84 27.70
CA ALA B 439 5.04 13.32 26.50
C ALA B 439 5.64 12.18 25.67
N GLY B 440 4.77 11.38 25.09
CA GLY B 440 5.23 10.26 24.27
C GLY B 440 5.45 10.69 22.84
N ARG B 441 5.94 9.76 22.01
CA ARG B 441 6.21 10.04 20.61
C ARG B 441 6.04 8.80 19.69
N HIS B 442 5.94 9.04 18.39
CA HIS B 442 5.81 7.96 17.40
C HIS B 442 7.26 7.67 16.97
N PRO B 443 7.91 6.71 17.63
CA PRO B 443 9.30 6.31 17.36
C PRO B 443 9.61 6.19 15.87
N VAL B 444 8.59 5.85 15.10
CA VAL B 444 8.80 5.73 13.69
C VAL B 444 8.98 7.12 13.08
N VAL B 445 7.93 7.93 13.10
CA VAL B 445 7.96 9.28 12.53
C VAL B 445 8.88 10.26 13.25
N GLU B 446 9.17 9.97 14.51
CA GLU B 446 10.04 10.83 15.31
C GLU B 446 11.40 11.08 14.66
N ARG B 447 11.95 10.06 14.00
CA ARG B 447 13.26 10.17 13.35
C ARG B 447 13.22 10.76 11.95
N ARG B 448 12.33 11.71 11.69
CA ARG B 448 12.23 12.31 10.36
C ARG B 448 11.84 13.79 10.38
N THR B 449 11.52 14.32 11.57
CA THR B 449 11.12 15.73 11.70
C THR B 449 10.84 16.10 13.17
N GLU B 450 10.65 17.40 13.43
CA GLU B 450 10.32 17.83 14.80
C GLU B 450 9.05 17.09 15.14
N PHE B 451 8.93 16.65 16.39
CA PHE B 451 7.74 15.91 16.79
C PHE B 451 7.19 16.39 18.12
N VAL B 452 6.10 17.16 18.03
CA VAL B 452 5.45 17.69 19.22
C VAL B 452 4.85 16.51 19.97
N PRO B 453 5.42 16.17 21.13
CA PRO B 453 4.95 15.04 21.93
C PRO B 453 3.53 15.27 22.39
N ASN B 454 2.96 14.28 23.09
CA ASN B 454 1.61 14.36 23.61
C ASN B 454 1.50 13.57 24.90
N ASP B 455 0.33 13.63 25.53
CA ASP B 455 0.10 12.91 26.78
C ASP B 455 -1.18 12.08 26.71
N LEU B 456 -1.30 11.08 27.57
CA LEU B 456 -2.50 10.23 27.57
C LEU B 456 -2.68 9.40 28.84
N GLU B 457 -3.92 9.34 29.31
CA GLU B 457 -4.26 8.59 30.51
C GLU B 457 -5.54 7.80 30.31
N MSE B 458 -5.49 6.51 30.63
CA MSE B 458 -6.67 5.65 30.46
C MSE B 458 -6.71 4.56 31.50
O MSE B 458 -5.75 4.37 32.26
CB MSE B 458 -6.65 4.97 29.09
CG MSE B 458 -6.74 5.87 27.90
SE MSE B 458 -6.22 4.84 26.35
CE MSE B 458 -7.96 4.11 25.84
N ALA B 459 -7.81 3.82 31.50
CA ALA B 459 -8.01 2.73 32.45
C ALA B 459 -9.20 1.89 32.03
N HIS B 460 -9.03 1.04 31.03
CA HIS B 460 -10.14 0.21 30.57
C HIS B 460 -11.29 1.09 30.09
N GLU B 461 -10.97 2.30 29.62
CA GLU B 461 -12.00 3.23 29.16
C GLU B 461 -12.11 3.28 27.63
N LEU B 462 -13.07 4.04 27.13
CA LEU B 462 -13.25 4.23 25.67
C LEU B 462 -12.96 5.72 25.52
N VAL B 463 -11.91 6.05 24.79
CA VAL B 463 -11.55 7.45 24.61
C VAL B 463 -11.72 7.90 23.16
N LEU B 464 -12.80 8.62 22.89
CA LEU B 464 -13.02 9.12 21.54
C LEU B 464 -11.96 10.21 21.21
N ILE B 465 -11.69 10.39 19.90
CA ILE B 465 -10.71 11.38 19.48
C ILE B 465 -11.25 12.14 18.28
N THR B 466 -11.73 13.35 18.55
CA THR B 466 -12.32 14.18 17.49
C THR B 466 -11.42 15.29 16.99
N GLY B 467 -12.05 16.22 16.28
CA GLY B 467 -11.33 17.33 15.69
C GLY B 467 -11.11 16.99 14.23
N PRO B 468 -10.32 17.79 13.49
CA PRO B 468 -10.11 17.45 12.08
C PRO B 468 -8.97 16.46 11.99
N ASN B 469 -8.70 15.97 10.78
CA ASN B 469 -7.59 15.06 10.59
C ASN B 469 -6.39 15.98 10.40
N MSE B 470 -5.28 15.45 9.91
CA MSE B 470 -4.11 16.29 9.69
C MSE B 470 -3.63 16.98 10.95
O MSE B 470 -2.91 17.98 10.87
CB MSE B 470 -4.42 17.34 8.65
CG MSE B 470 -4.86 16.81 7.30
SE MSE B 470 -5.22 18.28 6.13
CE MSE B 470 -3.46 19.09 6.16
N ALA B 471 -4.03 16.48 12.11
CA ALA B 471 -3.60 17.09 13.37
C ALA B 471 -3.04 16.09 14.37
N GLY B 472 -2.71 14.89 13.88
CA GLY B 472 -2.13 13.89 14.76
C GLY B 472 -3.00 12.69 15.16
N LYS B 473 -4.33 12.82 15.01
CA LYS B 473 -5.24 11.74 15.42
C LYS B 473 -4.71 10.35 15.12
N SER B 474 -4.75 9.96 13.84
CA SER B 474 -4.28 8.64 13.46
C SER B 474 -2.89 8.34 14.06
N THR B 475 -1.89 9.10 13.63
CA THR B 475 -0.54 8.91 14.14
C THR B 475 -0.54 8.81 15.67
N PHE B 476 -1.48 9.54 16.27
CA PHE B 476 -1.61 9.55 17.73
C PHE B 476 -2.07 8.19 18.27
N LEU B 477 -2.92 7.51 17.51
CA LEU B 477 -3.44 6.20 17.94
C LEU B 477 -2.26 5.23 17.89
N ARG B 478 -1.58 5.22 16.74
CA ARG B 478 -0.44 4.34 16.51
C ARG B 478 0.63 4.64 17.55
N GLN B 479 0.99 5.92 17.64
CA GLN B 479 2.00 6.32 18.60
C GLN B 479 1.82 5.61 19.95
N THR B 480 0.59 5.23 20.26
CA THR B 480 0.30 4.57 21.53
C THR B 480 0.53 3.07 21.48
N ALA B 481 0.03 2.47 20.41
CA ALA B 481 0.16 1.03 20.22
C ALA B 481 1.66 0.67 20.34
N LEU B 482 2.48 1.30 19.50
CA LEU B 482 3.92 1.09 19.48
C LEU B 482 4.53 1.12 20.89
N ILE B 483 4.33 2.22 21.60
CA ILE B 483 4.86 2.32 22.95
C ILE B 483 4.46 1.05 23.73
N ALA B 484 3.17 0.70 23.62
CA ALA B 484 2.66 -0.48 24.31
C ALA B 484 3.55 -1.66 23.90
N LEU B 485 3.61 -1.89 22.57
CA LEU B 485 4.40 -2.96 21.94
C LEU B 485 5.86 -2.90 22.33
N LEU B 486 6.42 -1.71 22.11
CA LEU B 486 7.82 -1.48 22.45
C LEU B 486 8.08 -1.88 23.91
N ALA B 487 7.07 -1.64 24.76
CA ALA B 487 7.24 -1.96 26.17
C ALA B 487 7.17 -3.47 26.37
N GLN B 488 6.13 -4.06 25.80
CA GLN B 488 5.92 -5.49 25.96
C GLN B 488 6.96 -6.32 25.21
N VAL B 489 7.83 -5.66 24.44
CA VAL B 489 8.88 -6.39 23.71
C VAL B 489 10.15 -6.36 24.53
N GLY B 490 10.28 -5.30 25.34
CA GLY B 490 11.46 -5.22 26.17
C GLY B 490 12.43 -4.08 25.88
N SER B 491 11.92 -2.94 25.39
CA SER B 491 12.81 -1.80 25.13
C SER B 491 12.32 -0.59 25.91
N PHE B 492 13.11 0.47 25.94
CA PHE B 492 12.64 1.71 26.55
C PHE B 492 11.89 2.36 25.40
N VAL B 493 10.92 3.20 25.71
CA VAL B 493 10.13 3.82 24.65
C VAL B 493 10.33 5.33 24.52
N PRO B 494 9.83 5.90 23.42
CA PRO B 494 9.95 7.35 23.17
C PRO B 494 8.92 8.15 24.01
N ALA B 495 9.32 8.57 25.21
CA ALA B 495 8.46 9.35 26.11
C ALA B 495 9.27 10.19 27.10
N GLU B 496 8.69 10.42 28.27
CA GLU B 496 9.32 11.15 29.38
C GLU B 496 9.10 10.18 30.53
N GLU B 497 7.82 9.86 30.75
CA GLU B 497 7.42 8.87 31.75
C GLU B 497 6.39 8.08 30.97
N ALA B 498 6.10 6.85 31.42
CA ALA B 498 5.10 6.04 30.76
C ALA B 498 4.71 4.83 31.59
N HIS B 499 3.44 4.80 31.97
CA HIS B 499 2.90 3.70 32.76
C HIS B 499 1.92 2.95 31.86
N LEU B 500 2.27 1.73 31.51
CA LEU B 500 1.39 0.91 30.67
C LEU B 500 0.95 -0.31 31.48
N PRO B 501 -0.19 -0.89 31.12
CA PRO B 501 -0.72 -2.08 31.79
C PRO B 501 -0.17 -3.25 30.97
N LEU B 502 -0.51 -4.48 31.31
CA LEU B 502 0.01 -5.60 30.53
C LEU B 502 -0.99 -6.12 29.50
N PHE B 503 -1.09 -5.39 28.39
CA PHE B 503 -1.99 -5.73 27.29
C PHE B 503 -1.91 -7.19 26.87
N ASP B 504 -3.06 -7.81 26.63
CA ASP B 504 -3.07 -9.20 26.19
C ASP B 504 -2.93 -9.21 24.68
N GLY B 505 -3.51 -8.18 24.05
CA GLY B 505 -3.45 -8.05 22.61
C GLY B 505 -3.55 -6.61 22.11
N ILE B 506 -3.08 -6.36 20.90
CA ILE B 506 -3.13 -5.02 20.35
C ILE B 506 -3.75 -5.05 18.95
N TYR B 507 -5.07 -5.03 18.90
CA TYR B 507 -5.79 -5.07 17.65
C TYR B 507 -6.00 -3.66 17.14
N THR B 508 -6.07 -3.52 15.81
CA THR B 508 -6.26 -2.21 15.17
C THR B 508 -7.40 -2.23 14.17
N ARG B 509 -7.50 -1.14 13.41
CA ARG B 509 -8.51 -0.94 12.34
C ARG B 509 -8.16 0.45 11.79
N ILE B 510 -6.98 0.54 11.17
CA ILE B 510 -6.47 1.82 10.68
C ILE B 510 -6.34 1.99 9.17
N GLY B 511 -6.45 3.26 8.74
CA GLY B 511 -6.37 3.63 7.34
C GLY B 511 -6.94 2.62 6.33
N ALA B 512 -6.28 2.51 5.18
CA ALA B 512 -6.68 1.57 4.12
C ALA B 512 -8.07 1.90 3.60
N GLY B 519 -12.79 -7.66 -5.61
CA GLY B 519 -13.58 -8.48 -4.70
C GLY B 519 -14.53 -7.63 -3.88
N LYS B 520 -14.24 -7.48 -2.60
CA LYS B 520 -15.08 -6.69 -1.71
C LYS B 520 -14.70 -5.22 -1.71
N SER B 521 -15.34 -4.44 -0.85
CA SER B 521 -15.08 -3.01 -0.76
C SER B 521 -14.47 -2.64 0.58
N THR B 522 -13.83 -1.45 0.62
CA THR B 522 -13.22 -0.93 1.84
C THR B 522 -14.17 -1.27 2.97
N PHE B 523 -15.43 -0.90 2.74
CA PHE B 523 -16.44 -1.10 3.74
C PHE B 523 -16.47 -2.51 4.33
N MSE B 524 -16.84 -3.50 3.51
CA MSE B 524 -16.93 -4.83 4.09
C MSE B 524 -15.64 -5.15 4.85
O MSE B 524 -15.68 -5.46 6.04
CB MSE B 524 -17.18 -5.88 3.02
CG MSE B 524 -17.53 -7.19 3.65
SE MSE B 524 -18.86 -8.13 2.65
CE MSE B 524 -17.65 -9.27 1.63
N VAL B 525 -14.53 -5.02 4.15
CA VAL B 525 -13.23 -5.28 4.74
C VAL B 525 -13.19 -4.72 6.16
N GLU B 526 -13.27 -3.39 6.25
CA GLU B 526 -13.23 -2.74 7.55
C GLU B 526 -14.20 -3.36 8.55
N MSE B 527 -15.41 -3.73 8.12
CA MSE B 527 -16.32 -4.36 9.08
C MSE B 527 -15.65 -5.60 9.65
O MSE B 527 -15.40 -5.67 10.88
CB MSE B 527 -17.66 -4.75 8.45
CG MSE B 527 -18.64 -3.56 8.28
SE MSE B 527 -18.55 -2.25 9.82
CE MSE B 527 -18.33 -0.58 8.82
N GLU B 528 -15.34 -6.56 8.77
CA GLU B 528 -14.69 -7.79 9.20
C GLU B 528 -13.57 -7.46 10.20
N GLU B 529 -12.85 -6.37 9.94
CA GLU B 529 -11.78 -5.97 10.85
C GLU B 529 -12.36 -5.84 12.26
N VAL B 530 -13.34 -4.94 12.37
CA VAL B 530 -13.98 -4.69 13.65
C VAL B 530 -14.56 -5.96 14.26
N ALA B 531 -15.18 -6.77 13.40
CA ALA B 531 -15.78 -8.04 13.84
C ALA B 531 -14.78 -8.81 14.73
N LEU B 532 -13.59 -9.04 14.17
CA LEU B 532 -12.51 -9.74 14.89
C LEU B 532 -12.25 -9.14 16.27
N ILE B 533 -12.02 -7.82 16.26
CA ILE B 533 -11.72 -7.08 17.46
C ILE B 533 -12.82 -7.43 18.45
N LEU B 534 -14.05 -7.26 18.02
CA LEU B 534 -15.17 -7.57 18.89
C LEU B 534 -15.09 -9.04 19.31
N LYS B 535 -14.58 -9.87 18.41
CA LYS B 535 -14.51 -11.30 18.67
C LYS B 535 -13.23 -11.85 19.29
N GLU B 536 -12.37 -10.95 19.80
CA GLU B 536 -11.11 -11.34 20.45
C GLU B 536 -10.73 -10.33 21.55
N ALA B 537 -11.18 -9.09 21.40
CA ALA B 537 -10.85 -8.06 22.38
C ALA B 537 -11.40 -8.50 23.73
N THR B 538 -10.73 -8.08 24.79
CA THR B 538 -11.11 -8.42 26.14
C THR B 538 -10.90 -7.19 27.05
N GLU B 539 -11.10 -7.36 28.35
CA GLU B 539 -10.95 -6.26 29.30
C GLU B 539 -9.50 -5.80 29.40
N ASN B 540 -8.60 -6.55 28.78
CA ASN B 540 -7.18 -6.21 28.82
C ASN B 540 -6.65 -5.86 27.44
N SER B 541 -7.43 -6.21 26.41
CA SER B 541 -7.04 -5.92 25.04
C SER B 541 -6.90 -4.41 24.84
N LEU B 542 -6.06 -4.03 23.88
CA LEU B 542 -5.90 -2.62 23.58
C LEU B 542 -6.49 -2.51 22.20
N VAL B 543 -7.39 -1.55 22.01
CA VAL B 543 -7.99 -1.42 20.69
C VAL B 543 -7.97 -0.01 20.20
N LEU B 544 -7.62 0.13 18.94
CA LEU B 544 -7.54 1.46 18.36
C LEU B 544 -8.46 1.50 17.16
N LEU B 545 -9.46 2.37 17.23
CA LEU B 545 -10.35 2.45 16.10
C LEU B 545 -10.24 3.82 15.46
N ASP B 546 -10.50 3.86 14.15
CA ASP B 546 -10.42 5.09 13.40
C ASP B 546 -11.52 5.15 12.37
N GLU B 547 -12.46 6.07 12.57
CA GLU B 547 -13.56 6.24 11.63
C GLU B 547 -14.36 4.95 11.39
N VAL B 548 -14.36 4.03 12.36
CA VAL B 548 -15.09 2.77 12.17
C VAL B 548 -16.49 3.13 11.69
N GLY B 549 -16.92 2.48 10.61
CA GLY B 549 -18.24 2.76 10.08
C GLY B 549 -18.33 4.04 9.26
N ARG B 550 -17.52 4.12 8.21
CA ARG B 550 -17.52 5.25 7.29
C ARG B 550 -17.84 4.62 5.94
N GLY B 551 -17.62 5.36 4.88
CA GLY B 551 -17.90 4.84 3.55
C GLY B 551 -19.23 4.14 3.53
N THR B 552 -20.27 4.89 3.90
CA THR B 552 -21.64 4.36 3.93
C THR B 552 -22.58 5.51 4.19
N SER B 553 -23.85 5.28 3.88
CA SER B 553 -24.90 6.30 4.03
C SER B 553 -25.06 6.85 5.45
N SER B 554 -25.52 8.11 5.48
CA SER B 554 -25.74 8.89 6.70
C SER B 554 -25.96 8.14 8.00
N LEU B 555 -27.23 7.85 8.29
CA LEU B 555 -27.61 7.15 9.52
C LEU B 555 -26.72 5.93 9.81
N ASP B 556 -26.79 4.91 8.95
CA ASP B 556 -25.98 3.69 9.09
C ASP B 556 -24.61 4.01 9.69
N GLY B 557 -24.02 5.10 9.18
CA GLY B 557 -22.72 5.54 9.64
C GLY B 557 -22.76 5.75 11.15
N VAL B 558 -23.36 6.88 11.52
CA VAL B 558 -23.50 7.27 12.92
C VAL B 558 -24.15 6.15 13.70
N ALA B 559 -24.88 5.31 12.97
CA ALA B 559 -25.51 4.17 13.60
C ALA B 559 -24.42 3.19 14.08
N ILE B 560 -23.89 2.40 13.16
CA ILE B 560 -22.86 1.39 13.44
C ILE B 560 -21.87 1.83 14.53
N ALA B 561 -21.33 3.03 14.29
CA ALA B 561 -20.36 3.65 15.19
C ALA B 561 -20.71 3.49 16.68
N THR B 562 -21.95 3.84 16.99
CA THR B 562 -22.48 3.78 18.36
C THR B 562 -22.46 2.36 18.93
N ALA B 563 -23.00 1.40 18.16
CA ALA B 563 -23.01 0.00 18.62
C ALA B 563 -21.58 -0.46 18.96
N VAL B 564 -20.71 -0.38 17.96
CA VAL B 564 -19.31 -0.78 18.11
C VAL B 564 -18.73 -0.15 19.39
N ALA B 565 -18.95 1.15 19.54
CA ALA B 565 -18.48 1.87 20.74
C ALA B 565 -18.96 1.13 22.02
N GLU B 566 -20.24 1.31 22.35
CA GLU B 566 -20.87 0.68 23.51
C GLU B 566 -20.35 -0.75 23.63
N ALA B 567 -20.35 -1.43 22.48
CA ALA B 567 -19.89 -2.82 22.33
C ALA B 567 -18.52 -2.97 22.98
N LEU B 568 -17.60 -2.10 22.58
CA LEU B 568 -16.27 -2.12 23.15
C LEU B 568 -16.37 -1.59 24.59
N HIS B 569 -17.14 -0.51 24.75
CA HIS B 569 -17.32 0.09 26.06
C HIS B 569 -17.63 -0.96 27.12
N GLU B 570 -18.62 -1.81 26.81
CA GLU B 570 -19.02 -2.86 27.75
C GLU B 570 -17.88 -3.82 27.96
N ARG B 571 -17.08 -4.01 26.92
CA ARG B 571 -15.95 -4.92 27.00
C ARG B 571 -14.92 -4.36 28.00
N ARG B 572 -14.99 -3.06 28.26
CA ARG B 572 -14.07 -2.45 29.22
C ARG B 572 -12.61 -2.61 28.78
N ALA B 573 -12.41 -2.56 27.47
CA ALA B 573 -11.06 -2.70 26.92
C ALA B 573 -10.50 -1.33 26.60
N TYR B 574 -9.22 -1.12 26.86
CA TYR B 574 -8.57 0.15 26.57
C TYR B 574 -8.79 0.40 25.07
N THR B 575 -9.68 1.35 24.76
CA THR B 575 -9.99 1.65 23.39
C THR B 575 -9.80 3.12 23.03
N LEU B 576 -8.91 3.36 22.08
CA LEU B 576 -8.68 4.72 21.62
C LEU B 576 -9.40 4.80 20.30
N PHE B 577 -10.69 5.07 20.41
CA PHE B 577 -11.55 5.18 19.23
C PHE B 577 -11.45 6.65 18.79
N ALA B 578 -11.03 6.86 17.55
CA ALA B 578 -10.89 8.23 17.02
C ALA B 578 -11.93 8.41 15.94
N THR B 579 -12.81 9.40 16.10
CA THR B 579 -13.88 9.63 15.10
C THR B 579 -14.22 11.09 14.81
N HIS B 580 -15.12 11.29 13.87
CA HIS B 580 -15.55 12.64 13.53
C HIS B 580 -17.01 12.72 13.93
N TYR B 581 -17.54 11.58 14.36
CA TYR B 581 -18.93 11.48 14.76
C TYR B 581 -19.19 12.16 16.09
N PHE B 582 -19.69 13.39 16.06
CA PHE B 582 -20.00 14.07 17.30
C PHE B 582 -21.00 13.22 18.09
N GLU B 583 -22.17 12.95 17.51
CA GLU B 583 -23.18 12.14 18.19
C GLU B 583 -22.48 11.16 19.15
N LEU B 584 -21.53 10.38 18.64
CA LEU B 584 -20.83 9.44 19.50
C LEU B 584 -20.29 10.11 20.76
N THR B 585 -19.63 11.27 20.60
CA THR B 585 -19.05 11.96 21.75
C THR B 585 -20.00 12.25 22.91
N ALA B 586 -21.28 12.46 22.61
CA ALA B 586 -22.25 12.72 23.68
C ALA B 586 -23.12 11.50 23.95
N LEU B 587 -22.55 10.48 24.58
CA LEU B 587 -23.27 9.24 24.85
C LEU B 587 -23.20 8.80 26.31
N GLY B 588 -23.18 9.78 27.21
CA GLY B 588 -23.10 9.49 28.63
C GLY B 588 -22.99 8.05 29.09
N LEU B 589 -21.79 7.50 29.01
CA LEU B 589 -21.55 6.13 29.48
C LEU B 589 -20.55 6.32 30.62
N PRO B 590 -20.62 5.45 31.64
CA PRO B 590 -19.65 5.64 32.73
C PRO B 590 -18.18 5.70 32.33
N ARG B 591 -17.73 4.86 31.39
CA ARG B 591 -16.31 4.84 31.01
C ARG B 591 -15.88 5.58 29.75
N LEU B 592 -16.71 6.50 29.25
CA LEU B 592 -16.32 7.26 28.06
C LEU B 592 -15.31 8.29 28.52
N LYS B 593 -14.84 9.09 27.57
CA LYS B 593 -13.84 10.11 27.81
C LYS B 593 -13.70 10.77 26.45
N ASN B 594 -13.47 12.07 26.41
CA ASN B 594 -13.35 12.74 25.11
C ASN B 594 -12.12 13.59 24.97
N LEU B 595 -11.40 13.40 23.86
CA LEU B 595 -10.20 14.18 23.56
C LEU B 595 -10.34 14.60 22.11
N HIS B 596 -9.89 15.81 21.80
CA HIS B 596 -10.01 16.31 20.42
C HIS B 596 -8.70 17.01 20.03
N VAL B 597 -8.47 17.20 18.73
CA VAL B 597 -7.26 17.90 18.31
C VAL B 597 -7.83 19.04 17.50
N ALA B 598 -7.12 20.17 17.50
CA ALA B 598 -7.60 21.35 16.81
C ALA B 598 -6.84 21.83 15.59
N ALA B 599 -7.54 22.64 14.80
CA ALA B 599 -6.98 23.28 13.61
C ALA B 599 -7.07 24.76 14.04
N ARG B 600 -6.78 25.69 13.14
CA ARG B 600 -6.85 27.11 13.47
C ARG B 600 -6.67 28.03 12.27
N GLU B 601 -7.78 28.43 11.68
CA GLU B 601 -7.80 29.32 10.50
C GLU B 601 -6.92 30.58 10.61
N GLU B 602 -5.61 30.43 10.69
CA GLU B 602 -4.71 31.59 10.81
C GLU B 602 -4.42 32.33 9.51
N ALA B 603 -3.15 32.62 9.28
CA ALA B 603 -2.70 33.35 8.10
C ALA B 603 -2.62 32.53 6.81
N GLY B 604 -2.66 31.21 6.95
CA GLY B 604 -2.62 30.35 5.78
C GLY B 604 -4.01 29.87 5.38
N GLY B 605 -4.84 29.61 6.40
CA GLY B 605 -6.20 29.14 6.20
C GLY B 605 -6.69 28.39 7.43
N LEU B 606 -5.75 27.82 8.17
CA LEU B 606 -5.98 27.06 9.39
C LEU B 606 -4.63 26.83 10.12
N VAL B 607 -4.68 26.28 11.32
CA VAL B 607 -3.46 26.07 12.10
C VAL B 607 -3.56 24.92 13.10
N PHE B 608 -3.63 23.72 12.53
CA PHE B 608 -3.72 22.49 13.29
C PHE B 608 -2.59 22.40 14.30
N TYR B 609 -2.88 21.86 15.47
CA TYR B 609 -1.86 21.67 16.50
C TYR B 609 -1.75 20.19 16.77
N HIS B 610 -0.51 19.69 16.83
CA HIS B 610 -0.29 18.27 17.11
C HIS B 610 -0.49 18.01 18.60
N GLN B 611 -1.61 18.53 19.12
CA GLN B 611 -1.99 18.36 20.51
C GLN B 611 -3.34 17.72 20.66
N VAL B 612 -3.39 16.70 21.50
CA VAL B 612 -4.62 16.01 21.81
C VAL B 612 -4.99 16.64 23.15
N LEU B 613 -6.01 17.49 23.13
CA LEU B 613 -6.45 18.16 24.35
C LEU B 613 -7.74 17.51 24.86
N PRO B 614 -7.86 17.39 26.19
CA PRO B 614 -9.06 16.78 26.76
C PRO B 614 -10.35 17.50 26.39
N GLY B 615 -11.45 16.77 26.44
CA GLY B 615 -12.75 17.33 26.09
C GLY B 615 -12.96 17.37 24.60
N PRO B 616 -14.16 17.01 24.12
CA PRO B 616 -14.53 16.98 22.70
C PRO B 616 -14.29 18.29 21.97
N ALA B 617 -14.28 18.23 20.65
CA ALA B 617 -14.09 19.42 19.82
C ALA B 617 -15.39 20.22 19.83
N SER B 618 -15.26 21.52 20.07
CA SER B 618 -16.40 22.44 20.14
C SER B 618 -17.08 22.70 18.79
N LYS B 619 -16.33 23.23 17.82
CA LYS B 619 -16.91 23.49 16.49
C LYS B 619 -16.65 22.26 15.63
N SER B 620 -17.12 22.31 14.38
CA SER B 620 -16.89 21.23 13.45
C SER B 620 -15.95 21.87 12.44
N TYR B 621 -14.98 21.12 11.92
CA TYR B 621 -14.06 21.72 10.96
C TYR B 621 -14.16 21.27 9.51
N GLY B 622 -15.10 20.37 9.24
CA GLY B 622 -15.28 19.89 7.89
C GLY B 622 -15.20 20.99 6.82
N VAL B 623 -16.34 21.62 6.56
CA VAL B 623 -16.44 22.69 5.58
C VAL B 623 -15.19 23.57 5.60
N GLU B 624 -14.62 23.78 6.80
CA GLU B 624 -13.40 24.60 6.92
C GLU B 624 -12.31 23.95 6.08
N VAL B 625 -11.74 22.86 6.61
CA VAL B 625 -10.72 22.08 5.92
C VAL B 625 -11.09 22.09 4.44
N ALA B 626 -12.32 21.63 4.16
CA ALA B 626 -12.85 21.60 2.81
C ALA B 626 -12.53 22.94 2.12
N ALA B 627 -13.06 24.03 2.66
CA ALA B 627 -12.83 25.36 2.11
C ALA B 627 -11.33 25.56 1.92
N MSE B 628 -10.59 25.32 3.00
CA MSE B 628 -9.15 25.47 3.01
C MSE B 628 -8.50 24.70 1.86
O MSE B 628 -7.76 25.29 1.06
CB MSE B 628 -8.57 24.96 4.32
CG MSE B 628 -7.07 24.98 4.36
SE MSE B 628 -6.42 24.26 6.02
CE MSE B 628 -4.92 25.45 6.30
N ALA B 629 -8.78 23.41 1.77
CA ALA B 629 -8.23 22.55 0.73
C ALA B 629 -8.14 23.27 -0.61
N GLY B 630 -9.11 24.14 -0.91
CA GLY B 630 -9.06 24.86 -2.17
C GLY B 630 -10.40 24.99 -2.88
N LEU B 631 -11.46 24.60 -2.18
CA LEU B 631 -12.84 24.64 -2.67
C LEU B 631 -13.28 26.03 -3.14
N PRO B 632 -14.09 26.11 -4.20
CA PRO B 632 -14.55 27.43 -4.69
C PRO B 632 -15.42 28.13 -3.60
N LYS B 633 -15.14 29.41 -3.37
CA LYS B 633 -15.84 30.16 -2.33
C LYS B 633 -17.37 30.15 -2.28
N GLU B 634 -18.04 30.13 -3.42
CA GLU B 634 -19.50 30.10 -3.40
C GLU B 634 -19.90 28.74 -2.83
N VAL B 635 -19.26 27.69 -3.32
CA VAL B 635 -19.55 26.32 -2.86
C VAL B 635 -19.37 26.19 -1.35
N VAL B 636 -18.24 26.71 -0.85
CA VAL B 636 -17.97 26.66 0.57
C VAL B 636 -19.13 27.37 1.28
N ALA B 637 -19.50 28.52 0.73
CA ALA B 637 -20.59 29.33 1.27
C ALA B 637 -21.85 28.46 1.31
N ARG B 638 -22.35 28.13 0.12
CA ARG B 638 -23.53 27.29 -0.02
C ARG B 638 -23.37 26.04 0.87
N ALA B 639 -22.14 25.79 1.31
CA ALA B 639 -21.82 24.66 2.17
C ALA B 639 -22.01 25.08 3.63
N ARG B 640 -21.32 26.14 4.05
CA ARG B 640 -21.44 26.63 5.42
C ARG B 640 -22.90 26.89 5.72
N ALA B 641 -23.61 27.41 4.72
CA ALA B 641 -25.03 27.71 4.85
C ALA B 641 -25.79 26.41 5.15
N LEU B 642 -25.96 25.56 4.14
CA LEU B 642 -26.66 24.29 4.32
C LEU B 642 -26.27 23.70 5.67
N LEU B 643 -25.03 23.94 6.11
CA LEU B 643 -24.57 23.41 7.39
C LEU B 643 -25.40 24.07 8.50
N GLN B 644 -25.25 25.39 8.62
CA GLN B 644 -25.99 26.17 9.62
C GLN B 644 -27.42 25.66 9.62
N ALA B 645 -28.02 25.72 8.42
CA ALA B 645 -29.40 25.30 8.18
C ALA B 645 -29.69 23.84 8.54
N MSE B 646 -28.80 23.24 9.32
CA MSE B 646 -28.97 21.87 9.77
C MSE B 646 -28.51 21.83 11.23
O MSE B 646 -27.96 20.78 11.64
CB MSE B 646 -28.11 20.91 8.93
CG MSE B 646 -28.61 20.66 7.50
SE MSE B 646 -27.55 19.35 6.49
CE MSE B 646 -28.51 17.73 6.97
#